data_1BLN
#
_entry.id   1BLN
#
_cell.length_a   54.490
_cell.length_b   67.774
_cell.length_c   117.186
_cell.angle_alpha   90.00
_cell.angle_beta   97.61
_cell.angle_gamma   90.00
#
_symmetry.space_group_name_H-M   'P 1 21 1'
#
loop_
_entity.id
_entity.type
_entity.pdbx_description
1 polymer 'PROTEIN (MONOCLONAL ANTIBODY MRK-16 (LIGHT CHAIN))'
2 polymer 'PROTEIN (MONOCLONAL ANTIBODY MRK-16 (HEAVY CHAIN))'
#
loop_
_entity_poly.entity_id
_entity_poly.type
_entity_poly.pdbx_seq_one_letter_code
_entity_poly.pdbx_strand_id
1 'polypeptide(L)'
;DVLMTQTPVSLSVSLGDQASISCRSSQSIVHSTGNTYLEWYLQKPGQSPKLLIYKISNRFSGVPDRFSGSGSGTDFTLKI
SRVEAEDLGVYYCFQASHAPRTFGGGTKLEIKRADAAPTVSIFPPSSEQLTSGGASVVCFLNNFYPKDINVKWKIDGSER
QNGVLNSWTDQDSKDSTYSMSSTLTLTKDEYERHNSYTCEATSPIVKSFNRNEC
;
A,C
2 'polypeptide(L)'
;EVILVESGGGLVKPGGSLKLSCAASGFTFSSYTMSWVRQTPEKRLEWVATISSGGGNTYYPDSVKGRFTISRDNAKNNLY
LQMSSLRSEDTALYYCARYYRYEAWFASWGQGTLVTVSAAKTTAPSVYPLAPVCGDTTGSSVTLGCLVKGYFPEPVTLTW
NSGSLSSGVHTFPAVLQSDLYTLSSSVTVTSSTWPSQSITCNVAHPASSTKVDKKIEP
;
B,D
#
# COMPACT_ATOMS: atom_id res chain seq x y z
N ASP A 1 -47.70 -16.83 8.13
CA ASP A 1 -48.01 -17.75 9.25
C ASP A 1 -47.65 -17.06 10.56
N VAL A 2 -48.01 -17.65 11.68
CA VAL A 2 -47.73 -17.07 13.00
C VAL A 2 -46.23 -16.85 13.16
N LEU A 3 -45.84 -15.62 13.42
CA LEU A 3 -44.43 -15.29 13.57
C LEU A 3 -44.03 -15.01 15.01
N MET A 4 -42.92 -15.62 15.43
CA MET A 4 -42.40 -15.46 16.77
C MET A 4 -41.26 -14.45 16.71
N THR A 5 -41.29 -13.47 17.60
CA THR A 5 -40.27 -12.44 17.64
C THR A 5 -39.58 -12.37 18.99
N GLN A 6 -38.27 -12.56 18.99
CA GLN A 6 -37.49 -12.53 20.23
C GLN A 6 -36.72 -11.24 20.40
N THR A 7 -36.69 -10.75 21.63
CA THR A 7 -35.99 -9.53 21.96
C THR A 7 -35.30 -9.81 23.29
N PRO A 8 -34.00 -9.49 23.40
CA PRO A 8 -33.17 -8.89 22.36
C PRO A 8 -32.42 -9.97 21.57
N VAL A 9 -31.88 -9.61 20.42
CA VAL A 9 -31.13 -10.55 19.61
C VAL A 9 -29.82 -10.92 20.33
N SER A 10 -29.29 -9.98 21.09
CA SER A 10 -28.06 -10.18 21.83
C SER A 10 -28.31 -9.68 23.25
N LEU A 11 -27.60 -10.25 24.21
CA LEU A 11 -27.75 -9.88 25.60
C LEU A 11 -26.45 -10.13 26.33
N SER A 12 -25.83 -9.08 26.81
CA SER A 12 -24.59 -9.22 27.56
C SER A 12 -24.93 -9.02 29.03
N VAL A 13 -24.89 -10.10 29.80
CA VAL A 13 -25.21 -10.03 31.23
C VAL A 13 -24.02 -10.34 32.13
N SER A 14 -23.94 -9.63 33.25
CA SER A 14 -22.84 -9.85 34.20
C SER A 14 -22.98 -11.27 34.73
N LEU A 15 -21.87 -11.86 35.15
CA LEU A 15 -21.90 -13.23 35.67
C LEU A 15 -22.62 -13.25 37.00
N GLY A 16 -23.33 -14.35 37.26
CA GLY A 16 -24.07 -14.48 38.51
C GLY A 16 -25.20 -13.49 38.63
N ASP A 17 -25.60 -12.91 37.51
CA ASP A 17 -26.68 -11.93 37.46
C ASP A 17 -27.95 -12.60 36.96
N GLN A 18 -28.97 -11.81 36.68
CA GLN A 18 -30.23 -12.34 36.19
C GLN A 18 -30.46 -11.92 34.75
N ALA A 19 -31.09 -12.80 33.97
CA ALA A 19 -31.36 -12.51 32.57
C ALA A 19 -32.77 -12.95 32.18
N SER A 20 -33.35 -12.22 31.22
CA SER A 20 -34.70 -12.51 30.76
C SER A 20 -34.75 -12.35 29.25
N ILE A 21 -35.46 -13.27 28.58
CA ILE A 21 -35.59 -13.22 27.13
C ILE A 21 -37.06 -13.16 26.80
N SER A 22 -37.43 -12.28 25.87
CA SER A 22 -38.82 -12.15 25.46
C SER A 22 -39.06 -12.74 24.08
N CYS A 23 -40.26 -13.27 23.88
CA CYS A 23 -40.64 -13.89 22.62
C CYS A 23 -42.14 -13.70 22.47
N ARG A 24 -42.55 -12.77 21.62
CA ARG A 24 -43.97 -12.51 21.41
C ARG A 24 -44.50 -12.99 20.06
N SER A 25 -45.69 -13.59 20.09
CA SER A 25 -46.34 -14.11 18.90
C SER A 25 -47.34 -13.12 18.31
N SER A 26 -47.58 -13.22 17.01
CA SER A 26 -48.51 -12.33 16.33
C SER A 26 -49.98 -12.69 16.55
N GLN A 27 -50.24 -13.78 17.28
CA GLN A 27 -51.60 -14.24 17.56
C GLN A 27 -51.60 -14.96 18.91
N SER A 28 -52.76 -15.06 19.56
CA SER A 28 -52.86 -15.76 20.84
C SER A 28 -52.62 -17.26 20.59
N ILE A 29 -51.84 -17.89 21.47
CA ILE A 29 -51.53 -19.31 21.32
C ILE A 29 -51.84 -20.22 22.53
N VAL A 30 -52.27 -19.63 23.64
CA VAL A 30 -52.62 -20.43 24.82
C VAL A 30 -53.96 -21.11 24.61
N HIS A 31 -53.95 -22.43 24.72
CA HIS A 31 -55.15 -23.23 24.52
C HIS A 31 -56.08 -23.32 25.72
N SER A 32 -57.36 -23.56 25.41
CA SER A 32 -58.40 -23.70 26.42
C SER A 32 -58.62 -25.20 26.65
N THR A 33 -57.53 -25.93 26.80
CA THR A 33 -57.57 -27.38 27.01
C THR A 33 -56.54 -27.80 28.06
N GLY A 34 -55.27 -27.79 27.64
CA GLY A 34 -54.20 -28.16 28.54
C GLY A 34 -52.95 -28.55 27.78
N ASN A 35 -52.78 -28.01 26.59
CA ASN A 35 -51.61 -28.32 25.77
C ASN A 35 -51.10 -27.15 24.93
N THR A 36 -50.65 -26.09 25.60
CA THR A 36 -50.11 -24.94 24.88
C THR A 36 -48.62 -25.26 24.67
N TYR A 37 -48.22 -25.41 23.41
CA TYR A 37 -46.85 -25.74 23.11
C TYR A 37 -45.96 -24.55 22.75
N LEU A 38 -45.18 -24.13 23.74
CA LEU A 38 -44.25 -23.03 23.60
C LEU A 38 -43.01 -23.56 24.33
N GLU A 39 -41.95 -23.83 23.57
CA GLU A 39 -40.73 -24.35 24.15
C GLU A 39 -39.53 -23.43 23.96
N TRP A 40 -38.56 -23.58 24.86
CA TRP A 40 -37.33 -22.79 24.82
C TRP A 40 -36.15 -23.74 24.67
N TYR A 41 -35.30 -23.45 23.70
CA TYR A 41 -34.13 -24.25 23.44
C TYR A 41 -32.86 -23.43 23.60
N LEU A 42 -31.76 -24.11 23.87
CA LEU A 42 -30.46 -23.46 24.01
C LEU A 42 -29.46 -24.23 23.20
N GLN A 43 -28.75 -23.54 22.32
CA GLN A 43 -27.72 -24.18 21.53
C GLN A 43 -26.37 -23.67 22.02
N LYS A 44 -25.71 -24.49 22.83
CA LYS A 44 -24.40 -24.15 23.36
C LYS A 44 -23.42 -24.19 22.18
N PRO A 45 -22.42 -23.30 22.18
CA PRO A 45 -21.44 -23.26 21.10
C PRO A 45 -20.92 -24.62 20.65
N GLY A 46 -21.09 -24.90 19.37
CA GLY A 46 -20.64 -26.15 18.79
C GLY A 46 -21.41 -27.40 19.19
N GLN A 47 -22.68 -27.25 19.52
CA GLN A 47 -23.50 -28.39 19.92
C GLN A 47 -24.92 -28.29 19.38
N SER A 48 -25.68 -29.35 19.59
CA SER A 48 -27.07 -29.41 19.16
C SER A 48 -27.88 -28.60 20.17
N PRO A 49 -28.99 -27.99 19.75
CA PRO A 49 -29.78 -27.22 20.69
C PRO A 49 -30.54 -28.19 21.62
N LYS A 50 -30.48 -27.93 22.92
CA LYS A 50 -31.13 -28.78 23.90
C LYS A 50 -32.42 -28.14 24.42
N LEU A 51 -33.29 -28.97 24.96
CA LEU A 51 -34.58 -28.54 25.51
C LEU A 51 -34.46 -28.06 26.95
N LEU A 52 -35.11 -26.92 27.26
CA LEU A 52 -35.07 -26.37 28.59
C LEU A 52 -36.45 -26.28 29.22
N ILE A 53 -37.31 -25.46 28.62
CA ILE A 53 -38.66 -25.28 29.12
C ILE A 53 -39.65 -25.73 28.06
N TYR A 54 -40.65 -26.49 28.48
CA TYR A 54 -41.67 -26.99 27.57
C TYR A 54 -43.05 -26.59 28.12
N LYS A 55 -44.06 -26.62 27.26
CA LYS A 55 -45.43 -26.26 27.66
C LYS A 55 -45.48 -24.96 28.46
N ILE A 56 -44.92 -23.91 27.87
CA ILE A 56 -44.88 -22.57 28.46
C ILE A 56 -43.95 -22.37 29.66
N SER A 57 -44.10 -23.19 30.69
CA SER A 57 -43.29 -22.99 31.90
C SER A 57 -42.65 -24.20 32.56
N ASN A 58 -42.84 -25.38 31.99
CA ASN A 58 -42.29 -26.60 32.60
C ASN A 58 -40.81 -26.82 32.36
N ARG A 59 -40.11 -27.33 33.37
CA ARG A 59 -38.68 -27.57 33.28
C ARG A 59 -38.38 -29.01 32.86
N PHE A 60 -37.52 -29.15 31.85
CA PHE A 60 -37.13 -30.46 31.32
C PHE A 60 -36.05 -31.09 32.20
N SER A 61 -36.00 -32.42 32.22
CA SER A 61 -35.01 -33.15 33.02
C SER A 61 -33.60 -32.58 32.84
N GLY A 62 -32.86 -32.51 33.95
CA GLY A 62 -31.50 -32.00 33.93
C GLY A 62 -31.39 -30.50 34.07
N VAL A 63 -32.27 -29.77 33.42
CA VAL A 63 -32.26 -28.31 33.45
C VAL A 63 -32.22 -27.74 34.88
N PRO A 64 -31.12 -27.05 35.23
CA PRO A 64 -30.90 -26.43 36.54
C PRO A 64 -32.08 -25.57 37.00
N ASP A 65 -32.33 -25.60 38.30
CA ASP A 65 -33.44 -24.87 38.91
C ASP A 65 -33.54 -23.40 38.56
N ARG A 66 -32.42 -22.78 38.21
CA ARG A 66 -32.40 -21.35 37.88
C ARG A 66 -33.16 -20.96 36.61
N PHE A 67 -33.67 -21.96 35.88
CA PHE A 67 -34.40 -21.70 34.64
C PHE A 67 -35.90 -21.71 34.85
N SER A 68 -36.52 -20.55 34.61
CA SER A 68 -37.96 -20.41 34.75
C SER A 68 -38.60 -19.78 33.52
N GLY A 69 -39.58 -20.46 32.95
CA GLY A 69 -40.29 -19.93 31.80
C GLY A 69 -41.57 -19.33 32.34
N SER A 70 -41.71 -18.02 32.26
CA SER A 70 -42.90 -17.36 32.76
C SER A 70 -43.98 -17.27 31.68
N GLY A 71 -43.59 -16.80 30.50
CA GLY A 71 -44.54 -16.68 29.41
C GLY A 71 -45.64 -15.70 29.76
N SER A 72 -46.88 -16.09 29.49
CA SER A 72 -48.05 -15.28 29.80
C SER A 72 -48.34 -14.08 28.90
N GLY A 73 -49.62 -13.83 28.66
CA GLY A 73 -50.02 -12.75 27.79
C GLY A 73 -49.69 -13.22 26.39
N THR A 74 -48.95 -12.40 25.65
CA THR A 74 -48.55 -12.77 24.29
C THR A 74 -47.02 -12.76 24.26
N ASP A 75 -46.42 -12.32 25.38
CA ASP A 75 -44.98 -12.25 25.51
C ASP A 75 -44.45 -13.37 26.39
N PHE A 76 -43.86 -14.37 25.76
CA PHE A 76 -43.29 -15.49 26.51
C PHE A 76 -41.88 -15.08 26.88
N THR A 77 -41.56 -15.22 28.16
CA THR A 77 -40.25 -14.81 28.67
C THR A 77 -39.51 -15.87 29.46
N LEU A 78 -38.26 -16.14 29.08
CA LEU A 78 -37.42 -17.10 29.78
C LEU A 78 -36.59 -16.32 30.81
N LYS A 79 -36.40 -16.90 31.98
CA LYS A 79 -35.67 -16.24 33.05
C LYS A 79 -34.53 -17.05 33.66
N ILE A 80 -33.31 -16.55 33.48
CA ILE A 80 -32.08 -17.16 34.02
C ILE A 80 -31.73 -16.35 35.26
N SER A 81 -31.90 -16.94 36.43
CA SER A 81 -31.62 -16.26 37.69
C SER A 81 -30.16 -16.18 38.11
N ARG A 82 -29.45 -17.30 37.99
CA ARG A 82 -28.04 -17.32 38.37
C ARG A 82 -27.21 -17.58 37.12
N VAL A 83 -27.09 -16.57 36.26
CA VAL A 83 -26.33 -16.71 35.03
C VAL A 83 -24.93 -17.25 35.29
N GLU A 84 -24.57 -18.33 34.58
CA GLU A 84 -23.25 -18.94 34.70
C GLU A 84 -22.53 -18.91 33.35
N ALA A 85 -21.21 -19.05 33.38
CA ALA A 85 -20.42 -19.03 32.14
C ALA A 85 -20.92 -20.13 31.19
N GLU A 86 -21.39 -21.23 31.75
CA GLU A 86 -21.90 -22.33 30.97
C GLU A 86 -23.29 -22.08 30.38
N ASP A 87 -23.81 -20.85 30.53
CA ASP A 87 -25.13 -20.52 30.01
C ASP A 87 -25.06 -19.64 28.78
N LEU A 88 -23.86 -19.47 28.24
CA LEU A 88 -23.70 -18.66 27.04
C LEU A 88 -24.08 -19.55 25.85
N GLY A 89 -24.90 -19.01 24.97
CA GLY A 89 -25.32 -19.76 23.80
C GLY A 89 -26.42 -18.96 23.13
N VAL A 90 -27.27 -19.63 22.37
CA VAL A 90 -28.37 -18.96 21.68
C VAL A 90 -29.67 -19.63 22.07
N TYR A 91 -30.60 -18.83 22.56
CA TYR A 91 -31.90 -19.31 22.98
C TYR A 91 -32.92 -19.04 21.88
N TYR A 92 -33.70 -20.05 21.52
CA TYR A 92 -34.72 -19.92 20.49
C TYR A 92 -36.04 -20.43 21.06
N CYS A 93 -37.10 -19.65 20.89
CA CYS A 93 -38.40 -20.07 21.36
C CYS A 93 -39.07 -20.73 20.17
N PHE A 94 -39.58 -21.94 20.36
CA PHE A 94 -40.26 -22.68 19.31
C PHE A 94 -41.73 -22.77 19.68
N GLN A 95 -42.59 -22.65 18.68
CA GLN A 95 -44.03 -22.69 18.85
C GLN A 95 -44.54 -23.94 18.13
N ALA A 96 -45.55 -24.60 18.69
CA ALA A 96 -46.09 -25.80 18.06
C ALA A 96 -47.61 -25.92 18.11
N SER A 97 -48.28 -24.91 18.68
CA SER A 97 -49.73 -24.94 18.82
C SER A 97 -50.48 -24.55 17.53
N HIS A 98 -49.71 -24.24 16.49
CA HIS A 98 -50.27 -23.89 15.20
C HIS A 98 -49.50 -24.70 14.19
N ALA A 99 -50.25 -25.36 13.29
CA ALA A 99 -49.67 -26.22 12.26
C ALA A 99 -48.35 -25.75 11.69
N PRO A 100 -48.27 -24.49 11.20
CA PRO A 100 -46.97 -24.06 10.67
C PRO A 100 -46.03 -23.81 11.84
N ARG A 101 -45.34 -24.87 12.28
CA ARG A 101 -44.40 -24.76 13.39
C ARG A 101 -43.31 -23.77 13.00
N THR A 102 -43.17 -22.71 13.79
CA THR A 102 -42.14 -21.71 13.52
C THR A 102 -41.20 -21.57 14.71
N PHE A 103 -40.05 -20.97 14.47
CA PHE A 103 -39.04 -20.72 15.52
C PHE A 103 -38.80 -19.21 15.60
N GLY A 104 -38.26 -18.78 16.74
CA GLY A 104 -37.94 -17.38 16.90
C GLY A 104 -36.56 -17.17 16.32
N GLY A 105 -36.16 -15.91 16.14
CA GLY A 105 -34.85 -15.62 15.58
C GLY A 105 -33.67 -16.10 16.40
N GLY A 106 -33.69 -15.79 17.70
CA GLY A 106 -32.61 -16.21 18.58
C GLY A 106 -32.13 -15.07 19.46
N THR A 107 -31.52 -15.44 20.57
CA THR A 107 -30.98 -14.48 21.53
C THR A 107 -29.63 -15.02 21.99
N LYS A 108 -28.56 -14.39 21.53
CA LYS A 108 -27.21 -14.80 21.92
C LYS A 108 -26.86 -14.19 23.26
N LEU A 109 -26.57 -15.04 24.25
CA LEU A 109 -26.19 -14.54 25.56
C LEU A 109 -24.69 -14.28 25.54
N GLU A 110 -24.29 -13.18 26.18
CA GLU A 110 -22.89 -12.81 26.27
C GLU A 110 -22.61 -12.53 27.74
N ILE A 111 -21.56 -13.15 28.27
CA ILE A 111 -21.16 -12.96 29.64
C ILE A 111 -20.20 -11.78 29.73
N LYS A 112 -20.60 -10.73 30.43
CA LYS A 112 -19.76 -9.54 30.60
C LYS A 112 -18.61 -9.87 31.55
N ARG A 113 -17.43 -9.31 31.27
CA ARG A 113 -16.27 -9.52 32.12
C ARG A 113 -15.40 -8.28 32.02
N ALA A 114 -14.27 -8.27 32.72
CA ALA A 114 -13.35 -7.15 32.67
C ALA A 114 -12.62 -7.19 31.31
N ASP A 115 -12.19 -6.03 30.82
CA ASP A 115 -11.47 -5.96 29.55
C ASP A 115 -10.20 -6.79 29.65
N ALA A 116 -9.84 -7.42 28.53
CA ALA A 116 -8.64 -8.25 28.44
C ALA A 116 -8.01 -7.98 27.09
N ALA A 117 -6.71 -7.68 27.09
CA ALA A 117 -6.01 -7.39 25.84
C ALA A 117 -5.64 -8.71 25.17
N PRO A 118 -5.62 -8.72 23.85
CA PRO A 118 -5.29 -9.93 23.09
C PRO A 118 -3.80 -10.24 23.03
N THR A 119 -3.49 -11.52 22.97
CA THR A 119 -2.11 -11.98 22.85
C THR A 119 -1.92 -12.14 21.35
N VAL A 120 -1.44 -11.08 20.73
CA VAL A 120 -1.22 -11.03 19.29
C VAL A 120 0.06 -11.74 18.88
N SER A 121 -0.01 -12.42 17.75
CA SER A 121 1.11 -13.17 17.17
C SER A 121 0.99 -13.17 15.65
N ILE A 122 2.07 -12.79 14.98
CA ILE A 122 2.08 -12.76 13.52
C ILE A 122 2.89 -13.92 12.98
N PHE A 123 2.49 -14.46 11.84
CA PHE A 123 3.18 -15.59 11.23
C PHE A 123 3.43 -15.33 9.76
N PRO A 124 4.68 -15.51 9.32
CA PRO A 124 5.04 -15.29 7.93
C PRO A 124 4.56 -16.50 7.10
N PRO A 125 4.35 -16.32 5.79
CA PRO A 125 3.88 -17.42 4.94
C PRO A 125 4.87 -18.58 4.93
N SER A 126 4.36 -19.77 4.67
CA SER A 126 5.17 -20.97 4.61
C SER A 126 5.90 -21.04 3.26
N SER A 127 7.01 -21.75 3.23
CA SER A 127 7.79 -21.91 2.00
C SER A 127 6.94 -22.58 0.94
N GLU A 128 6.20 -23.61 1.34
CA GLU A 128 5.32 -24.37 0.46
C GLU A 128 4.35 -23.47 -0.31
N GLN A 129 3.69 -22.58 0.43
CA GLN A 129 2.73 -21.65 -0.17
C GLN A 129 3.41 -20.71 -1.14
N LEU A 130 4.58 -20.20 -0.76
CA LEU A 130 5.33 -19.29 -1.62
C LEU A 130 5.67 -19.97 -2.94
N THR A 131 5.92 -21.27 -2.88
CA THR A 131 6.24 -22.07 -4.06
C THR A 131 5.07 -22.14 -5.03
N SER A 132 3.85 -22.13 -4.49
CA SER A 132 2.66 -22.18 -5.33
C SER A 132 2.22 -20.82 -5.84
N GLY A 133 3.01 -19.78 -5.52
CA GLY A 133 2.70 -18.44 -5.98
C GLY A 133 1.78 -17.64 -5.07
N GLY A 134 1.72 -17.98 -3.80
CA GLY A 134 0.86 -17.26 -2.88
C GLY A 134 1.54 -16.91 -1.57
N ALA A 135 1.02 -15.90 -0.89
CA ALA A 135 1.59 -15.48 0.39
C ALA A 135 0.53 -14.99 1.37
N SER A 136 0.16 -15.86 2.31
CA SER A 136 -0.82 -15.51 3.33
C SER A 136 -0.10 -15.31 4.66
N VAL A 137 -0.24 -14.10 5.20
CA VAL A 137 0.36 -13.76 6.49
C VAL A 137 -0.78 -13.83 7.51
N VAL A 138 -0.62 -14.69 8.50
CA VAL A 138 -1.65 -14.86 9.50
C VAL A 138 -1.25 -14.26 10.85
N CYS A 139 -2.23 -13.63 11.50
CA CYS A 139 -2.03 -13.00 12.80
C CYS A 139 -3.16 -13.43 13.71
N PHE A 140 -2.83 -13.90 14.89
CA PHE A 140 -3.81 -14.34 15.87
C PHE A 140 -3.95 -13.35 17.02
N LEU A 141 -5.19 -13.05 17.37
CA LEU A 141 -5.48 -12.16 18.48
C LEU A 141 -6.31 -13.02 19.42
N ASN A 142 -5.60 -13.77 20.26
CA ASN A 142 -6.25 -14.69 21.19
C ASN A 142 -6.57 -14.12 22.56
N ASN A 143 -7.65 -14.65 23.13
CA ASN A 143 -8.17 -14.31 24.45
C ASN A 143 -8.24 -12.86 24.90
N PHE A 144 -9.16 -12.12 24.30
CA PHE A 144 -9.37 -10.71 24.64
C PHE A 144 -10.84 -10.46 24.94
N TYR A 145 -11.17 -9.21 25.29
CA TYR A 145 -12.53 -8.82 25.60
C TYR A 145 -12.59 -7.31 25.73
N PRO A 146 -13.63 -6.65 25.16
CA PRO A 146 -14.76 -7.19 24.41
C PRO A 146 -14.43 -7.57 22.96
N LYS A 147 -15.41 -8.10 22.24
CA LYS A 147 -15.20 -8.54 20.86
C LYS A 147 -14.80 -7.39 19.93
N ASP A 148 -15.31 -6.21 20.21
CA ASP A 148 -15.00 -5.03 19.40
C ASP A 148 -13.52 -4.68 19.49
N ILE A 149 -12.77 -5.13 18.49
CA ILE A 149 -11.33 -4.88 18.41
C ILE A 149 -10.95 -4.71 16.95
N ASN A 150 -9.99 -3.83 16.69
CA ASN A 150 -9.56 -3.56 15.34
C ASN A 150 -8.19 -4.16 15.09
N VAL A 151 -7.88 -4.41 13.82
CA VAL A 151 -6.60 -4.97 13.42
C VAL A 151 -6.20 -4.35 12.08
N LYS A 152 -5.04 -3.72 12.05
CA LYS A 152 -4.55 -3.10 10.84
C LYS A 152 -3.27 -3.78 10.40
N TRP A 153 -3.17 -4.00 9.09
CA TRP A 153 -2.00 -4.63 8.51
C TRP A 153 -1.17 -3.53 7.87
N LYS A 154 0.12 -3.52 8.18
CA LYS A 154 1.04 -2.53 7.64
C LYS A 154 2.23 -3.15 6.93
N ILE A 155 2.24 -3.03 5.61
CA ILE A 155 3.33 -3.56 4.79
C ILE A 155 4.36 -2.44 4.59
N ASP A 156 5.63 -2.77 4.81
CA ASP A 156 6.73 -1.83 4.68
C ASP A 156 6.51 -0.51 5.42
N GLY A 157 6.26 -0.65 6.73
CA GLY A 157 6.07 0.50 7.60
C GLY A 157 5.06 1.58 7.25
N SER A 158 4.14 1.30 6.33
CA SER A 158 3.14 2.28 5.93
C SER A 158 1.90 1.67 5.31
N GLU A 159 2.09 0.98 4.19
CA GLU A 159 0.99 0.38 3.45
C GLU A 159 -0.07 -0.30 4.29
N ARG A 160 -1.19 0.40 4.51
CA ARG A 160 -2.27 -0.18 5.27
C ARG A 160 -3.08 -1.07 4.33
N GLN A 161 -2.70 -2.35 4.26
CA GLN A 161 -3.41 -3.28 3.39
C GLN A 161 -4.83 -3.51 3.92
N ASN A 162 -5.76 -3.79 2.99
CA ASN A 162 -7.15 -4.00 3.35
C ASN A 162 -7.77 -5.29 2.83
N GLY A 163 -7.01 -6.09 2.09
CA GLY A 163 -7.51 -7.35 1.57
C GLY A 163 -7.36 -8.48 2.58
N VAL A 164 -7.93 -8.29 3.77
CA VAL A 164 -7.81 -9.26 4.85
C VAL A 164 -9.09 -10.06 5.13
N LEU A 165 -8.90 -11.27 5.65
CA LEU A 165 -10.00 -12.15 5.98
C LEU A 165 -9.95 -12.36 7.50
N ASN A 166 -10.97 -11.89 8.21
CA ASN A 166 -10.99 -12.04 9.66
C ASN A 166 -11.97 -13.13 10.10
N SER A 167 -11.81 -13.61 11.33
CA SER A 167 -12.67 -14.64 11.88
C SER A 167 -12.61 -14.57 13.40
N TRP A 168 -13.78 -14.70 14.04
CA TRP A 168 -13.90 -14.65 15.49
C TRP A 168 -14.56 -15.94 16.01
N THR A 169 -14.05 -16.47 17.11
CA THR A 169 -14.65 -17.65 17.72
C THR A 169 -15.73 -17.05 18.63
N ASP A 170 -16.66 -17.86 19.13
CA ASP A 170 -17.65 -17.30 20.02
C ASP A 170 -17.01 -17.29 21.40
N GLN A 171 -17.59 -16.53 22.32
CA GLN A 171 -17.09 -16.41 23.67
C GLN A 171 -16.79 -17.79 24.27
N ASP A 172 -15.63 -17.91 24.89
CA ASP A 172 -15.21 -19.16 25.50
C ASP A 172 -15.84 -19.32 26.87
N SER A 173 -16.43 -20.50 27.09
CA SER A 173 -17.11 -20.81 28.35
C SER A 173 -16.21 -20.83 29.57
N LYS A 174 -14.91 -21.04 29.36
CA LYS A 174 -13.96 -21.08 30.46
C LYS A 174 -13.63 -19.70 31.02
N ASP A 175 -13.06 -18.83 30.19
CA ASP A 175 -12.67 -17.50 30.63
C ASP A 175 -13.51 -16.34 30.10
N SER A 176 -14.49 -16.66 29.25
CA SER A 176 -15.39 -15.67 28.66
C SER A 176 -14.76 -14.71 27.67
N THR A 177 -13.57 -15.02 27.18
CA THR A 177 -12.90 -14.14 26.22
C THR A 177 -13.22 -14.50 24.77
N TYR A 178 -12.66 -13.74 23.84
CA TYR A 178 -12.84 -13.97 22.43
C TYR A 178 -11.48 -14.17 21.77
N SER A 179 -11.47 -14.70 20.56
CA SER A 179 -10.25 -14.91 19.83
C SER A 179 -10.59 -14.71 18.38
N MET A 180 -9.66 -14.12 17.64
CA MET A 180 -9.86 -13.87 16.23
C MET A 180 -8.53 -14.02 15.49
N SER A 181 -8.62 -14.32 14.20
CA SER A 181 -7.44 -14.45 13.37
C SER A 181 -7.65 -13.57 12.16
N SER A 182 -6.60 -12.91 11.72
CA SER A 182 -6.67 -12.05 10.55
C SER A 182 -5.65 -12.60 9.56
N THR A 183 -6.13 -12.98 8.39
CA THR A 183 -5.26 -13.52 7.37
C THR A 183 -5.20 -12.61 6.17
N LEU A 184 -4.05 -11.97 5.99
CA LEU A 184 -3.80 -11.08 4.85
C LEU A 184 -3.31 -11.97 3.73
N THR A 185 -4.01 -11.98 2.61
CA THR A 185 -3.58 -12.81 1.49
C THR A 185 -3.18 -11.96 0.30
N LEU A 186 -1.91 -12.10 -0.08
CA LEU A 186 -1.32 -11.38 -1.20
C LEU A 186 -0.50 -12.37 -2.03
N THR A 187 -0.05 -11.97 -3.21
CA THR A 187 0.75 -12.85 -4.06
C THR A 187 2.19 -12.96 -3.61
N LYS A 188 2.87 -13.99 -4.11
CA LYS A 188 4.27 -14.23 -3.81
C LYS A 188 5.11 -13.09 -4.35
N ASP A 189 4.72 -12.55 -5.50
CA ASP A 189 5.45 -11.44 -6.11
C ASP A 189 5.23 -10.15 -5.35
N GLU A 190 3.98 -9.82 -5.07
CA GLU A 190 3.66 -8.61 -4.32
C GLU A 190 4.29 -8.65 -2.91
N TYR A 191 4.43 -9.86 -2.36
CA TYR A 191 5.03 -10.09 -1.04
C TYR A 191 6.55 -10.05 -1.08
N GLU A 192 7.12 -10.62 -2.13
CA GLU A 192 8.58 -10.67 -2.31
C GLU A 192 9.14 -9.26 -2.51
N ARG A 193 8.26 -8.36 -2.90
CA ARG A 193 8.61 -6.96 -3.15
C ARG A 193 8.68 -6.11 -1.88
N HIS A 194 8.42 -6.71 -0.72
CA HIS A 194 8.44 -5.97 0.54
C HIS A 194 9.24 -6.65 1.63
N ASN A 195 9.40 -5.98 2.77
CA ASN A 195 10.20 -6.51 3.86
C ASN A 195 9.52 -6.64 5.23
N SER A 196 8.96 -5.55 5.74
CA SER A 196 8.30 -5.57 7.04
C SER A 196 6.81 -5.76 6.96
N TYR A 197 6.27 -6.56 7.87
CA TYR A 197 4.85 -6.85 7.95
C TYR A 197 4.42 -6.71 9.40
N THR A 198 3.52 -5.76 9.66
CA THR A 198 3.04 -5.49 11.01
C THR A 198 1.54 -5.78 11.17
N CYS A 199 1.17 -6.19 12.38
CA CYS A 199 -0.20 -6.50 12.75
C CYS A 199 -0.53 -5.67 13.99
N GLU A 200 -1.39 -4.68 13.86
CA GLU A 200 -1.75 -3.81 14.99
C GLU A 200 -3.17 -3.98 15.53
N ALA A 201 -3.27 -4.33 16.80
CA ALA A 201 -4.57 -4.48 17.45
C ALA A 201 -4.94 -3.11 18.02
N THR A 202 -6.20 -2.72 17.88
CA THR A 202 -6.67 -1.43 18.39
C THR A 202 -8.06 -1.59 19.02
N SER A 203 -3.14 3.57 21.98
CA SER A 203 -2.13 2.61 22.45
C SER A 203 -2.41 1.22 21.89
N PRO A 204 -2.00 0.98 20.63
CA PRO A 204 -2.21 -0.29 19.94
C PRO A 204 -1.23 -1.38 20.37
N ILE A 205 -1.55 -2.62 19.99
CA ILE A 205 -0.67 -3.76 20.28
C ILE A 205 -0.07 -4.12 18.94
N VAL A 206 1.22 -3.89 18.77
CA VAL A 206 1.89 -4.18 17.51
C VAL A 206 2.71 -5.46 17.55
N LYS A 207 2.83 -6.10 16.38
CA LYS A 207 3.60 -7.33 16.21
C LYS A 207 4.05 -7.37 14.75
N SER A 208 5.32 -7.63 14.51
CA SER A 208 5.81 -7.66 13.13
C SER A 208 7.03 -8.53 12.90
N PHE A 209 7.31 -8.85 11.64
CA PHE A 209 8.47 -9.63 11.26
C PHE A 209 9.10 -8.97 10.03
N ASN A 210 10.34 -9.33 9.72
CA ASN A 210 11.05 -8.77 8.56
C ASN A 210 11.40 -9.87 7.57
N ARG A 211 11.80 -9.45 6.38
CA ARG A 211 12.21 -10.33 5.30
C ARG A 211 11.08 -11.01 4.54
N ASN A 212 11.37 -12.20 4.06
CA ASN A 212 10.44 -13.05 3.33
C ASN A 212 10.72 -14.48 3.80
N GLU A 213 11.82 -14.64 4.52
CA GLU A 213 12.29 -15.92 5.06
C GLU A 213 13.29 -15.64 6.18
N CYS A 214 13.66 -16.69 6.90
CA CYS A 214 14.63 -16.61 7.99
C CYS A 214 14.61 -17.92 8.78
N GLU B 1 -28.00 -45.35 25.69
CA GLU B 1 -29.11 -44.41 25.97
C GLU B 1 -29.76 -43.96 24.67
N VAL B 2 -30.58 -42.93 24.74
CA VAL B 2 -31.28 -42.40 23.57
C VAL B 2 -30.25 -41.76 22.66
N ILE B 3 -30.06 -42.36 21.50
CA ILE B 3 -29.07 -41.89 20.53
C ILE B 3 -29.73 -41.69 19.18
N LEU B 4 -29.44 -40.56 18.57
CA LEU B 4 -29.96 -40.23 17.26
C LEU B 4 -28.75 -39.91 16.38
N VAL B 5 -28.64 -40.53 15.21
CA VAL B 5 -27.49 -40.31 14.33
C VAL B 5 -27.83 -40.07 12.85
N GLU B 6 -27.79 -38.81 12.44
CA GLU B 6 -28.09 -38.41 11.07
C GLU B 6 -26.91 -38.70 10.14
N SER B 7 -27.20 -39.24 8.96
CA SER B 7 -26.15 -39.57 8.00
C SER B 7 -26.60 -39.32 6.55
N GLY B 8 -25.64 -39.20 5.66
CA GLY B 8 -25.96 -38.99 4.25
C GLY B 8 -25.77 -37.58 3.74
N GLY B 9 -25.53 -36.63 4.64
CA GLY B 9 -25.35 -35.26 4.22
C GLY B 9 -24.18 -35.18 3.26
N GLY B 10 -24.22 -34.20 2.36
CA GLY B 10 -23.14 -34.04 1.40
C GLY B 10 -23.38 -32.99 0.34
N LEU B 11 -22.39 -32.81 -0.53
CA LEU B 11 -22.49 -31.83 -1.60
C LEU B 11 -23.39 -32.40 -2.70
N VAL B 12 -24.30 -31.58 -3.20
CA VAL B 12 -25.21 -32.01 -4.23
C VAL B 12 -25.57 -30.90 -5.20
N LYS B 13 -25.59 -31.24 -6.49
CA LYS B 13 -25.91 -30.29 -7.54
C LYS B 13 -27.37 -29.86 -7.41
N PRO B 14 -27.68 -28.63 -7.81
CA PRO B 14 -29.07 -28.15 -7.73
C PRO B 14 -30.02 -29.04 -8.51
N GLY B 15 -31.20 -29.26 -7.96
CA GLY B 15 -32.18 -30.11 -8.60
C GLY B 15 -31.86 -31.55 -8.28
N GLY B 16 -30.65 -31.78 -7.77
CA GLY B 16 -30.21 -33.11 -7.42
C GLY B 16 -31.02 -33.66 -6.26
N SER B 17 -30.83 -34.94 -5.97
CA SER B 17 -31.56 -35.58 -4.89
C SER B 17 -30.59 -36.27 -3.95
N LEU B 18 -30.96 -36.33 -2.68
CA LEU B 18 -30.16 -36.96 -1.64
C LEU B 18 -31.14 -37.63 -0.66
N LYS B 19 -30.60 -38.42 0.26
CA LYS B 19 -31.44 -39.09 1.24
C LYS B 19 -30.73 -39.16 2.59
N LEU B 20 -31.33 -38.54 3.58
CA LEU B 20 -30.78 -38.50 4.93
C LEU B 20 -31.34 -39.69 5.71
N SER B 21 -30.55 -40.18 6.67
CA SER B 21 -30.94 -41.30 7.49
C SER B 21 -30.70 -40.90 8.92
N CYS B 22 -31.57 -41.36 9.83
CA CYS B 22 -31.46 -41.07 11.25
C CYS B 22 -31.67 -42.35 12.06
N ALA B 23 -30.56 -42.97 12.49
CA ALA B 23 -30.61 -44.20 13.27
C ALA B 23 -30.85 -43.89 14.74
N ALA B 24 -32.01 -44.32 15.23
CA ALA B 24 -32.43 -44.09 16.61
C ALA B 24 -32.19 -45.31 17.48
N SER B 25 -31.63 -45.11 18.66
CA SER B 25 -31.38 -46.21 19.58
C SER B 25 -31.59 -45.75 21.02
N GLY B 26 -31.80 -46.71 21.92
CA GLY B 26 -32.01 -46.38 23.33
C GLY B 26 -33.46 -46.12 23.69
N PHE B 27 -34.37 -46.36 22.75
CA PHE B 27 -35.80 -46.16 22.97
C PHE B 27 -36.62 -46.83 21.87
N THR B 28 -37.90 -47.08 22.14
CA THR B 28 -38.80 -47.73 21.19
C THR B 28 -39.23 -46.77 20.07
N PHE B 29 -38.43 -46.80 19.00
CA PHE B 29 -38.63 -45.97 17.82
C PHE B 29 -40.08 -45.92 17.30
N SER B 30 -40.80 -47.04 17.43
CA SER B 30 -42.18 -47.12 16.95
C SER B 30 -43.22 -46.43 17.84
N SER B 31 -42.88 -46.20 19.11
CA SER B 31 -43.80 -45.56 20.02
C SER B 31 -43.65 -44.04 20.02
N TYR B 32 -42.60 -43.57 19.37
CA TYR B 32 -42.31 -42.14 19.33
C TYR B 32 -42.43 -41.52 17.95
N THR B 33 -43.02 -40.33 17.90
CA THR B 33 -43.15 -39.57 16.67
C THR B 33 -41.74 -38.99 16.42
N MET B 34 -41.38 -38.81 15.16
CA MET B 34 -40.06 -38.27 14.82
C MET B 34 -40.15 -37.08 13.87
N SER B 35 -39.16 -36.20 13.93
CA SER B 35 -39.13 -35.01 13.09
C SER B 35 -37.75 -34.67 12.53
N TRP B 36 -37.73 -33.71 11.61
CA TRP B 36 -36.51 -33.23 10.96
C TRP B 36 -36.48 -31.71 11.13
N VAL B 37 -35.38 -31.19 11.65
CA VAL B 37 -35.24 -29.76 11.86
C VAL B 37 -33.90 -29.32 11.26
N ARG B 38 -33.94 -28.29 10.43
CA ARG B 38 -32.73 -27.79 9.80
C ARG B 38 -32.29 -26.46 10.43
N GLN B 39 -31.02 -26.11 10.22
CA GLN B 39 -30.45 -24.86 10.71
C GLN B 39 -29.68 -24.24 9.56
N THR B 40 -30.16 -23.11 9.06
CA THR B 40 -29.51 -22.43 7.94
C THR B 40 -28.16 -21.80 8.31
N PRO B 41 -27.34 -21.42 7.31
CA PRO B 41 -26.02 -20.82 7.57
C PRO B 41 -26.09 -19.60 8.49
N GLU B 42 -27.25 -18.93 8.47
CA GLU B 42 -27.51 -17.74 9.27
C GLU B 42 -27.93 -18.16 10.68
N LYS B 43 -27.81 -19.45 10.99
CA LYS B 43 -28.16 -20.01 12.29
C LYS B 43 -29.63 -19.86 12.64
N ARG B 44 -30.48 -19.99 11.63
CA ARG B 44 -31.92 -19.90 11.81
C ARG B 44 -32.47 -21.31 11.76
N LEU B 45 -33.20 -21.71 12.81
CA LEU B 45 -33.79 -23.05 12.88
C LEU B 45 -35.12 -23.08 12.12
N GLU B 46 -35.27 -24.09 11.27
CA GLU B 46 -36.48 -24.25 10.48
C GLU B 46 -37.01 -25.67 10.60
N TRP B 47 -38.29 -25.79 10.93
CA TRP B 47 -38.94 -27.09 11.07
C TRP B 47 -39.11 -27.66 9.65
N VAL B 48 -38.65 -28.89 9.44
CA VAL B 48 -38.72 -29.51 8.13
C VAL B 48 -39.77 -30.60 7.94
N ALA B 49 -39.91 -31.50 8.91
CA ALA B 49 -40.89 -32.58 8.76
C ALA B 49 -41.16 -33.32 10.05
N THR B 50 -42.36 -33.90 10.13
CA THR B 50 -42.78 -34.69 11.29
C THR B 50 -43.56 -35.93 10.83
N ILE B 51 -43.32 -37.06 11.49
CA ILE B 51 -44.01 -38.30 11.15
C ILE B 51 -44.44 -39.06 12.41
N SER B 52 -45.69 -39.49 12.41
CA SER B 52 -46.29 -40.22 13.52
C SER B 52 -45.60 -41.54 13.89
N SER B 53 -46.01 -42.09 15.02
CA SER B 53 -45.46 -43.35 15.55
C SER B 53 -45.48 -44.48 14.53
N GLY B 54 -46.68 -44.80 14.04
CA GLY B 54 -46.81 -45.85 13.07
C GLY B 54 -46.70 -45.37 11.63
N GLY B 55 -45.83 -44.39 11.39
CA GLY B 55 -45.64 -43.84 10.06
C GLY B 55 -46.93 -43.28 9.50
N GLY B 56 -47.08 -43.38 8.18
CA GLY B 56 -48.27 -42.89 7.54
C GLY B 56 -48.51 -41.40 7.62
N ASN B 57 -48.98 -40.93 8.77
CA ASN B 57 -49.27 -39.51 8.95
C ASN B 57 -48.02 -38.64 8.93
N THR B 58 -47.78 -38.01 7.79
CA THR B 58 -46.62 -37.14 7.62
C THR B 58 -47.05 -35.69 7.49
N TYR B 59 -46.26 -34.79 8.05
CA TYR B 59 -46.56 -33.36 7.99
C TYR B 59 -45.34 -32.66 7.42
N TYR B 60 -45.56 -31.77 6.46
CA TYR B 60 -44.47 -31.01 5.83
C TYR B 60 -44.88 -29.54 5.74
N PRO B 61 -43.94 -28.62 6.01
CA PRO B 61 -44.31 -27.21 5.92
C PRO B 61 -44.50 -26.81 4.46
N ASP B 62 -44.94 -25.57 4.26
CA ASP B 62 -45.20 -25.03 2.94
C ASP B 62 -44.06 -25.07 1.93
N SER B 63 -42.88 -24.65 2.35
CA SER B 63 -41.70 -24.60 1.48
C SER B 63 -41.18 -25.93 0.92
N VAL B 64 -41.30 -27.01 1.67
CA VAL B 64 -40.76 -28.29 1.21
C VAL B 64 -41.73 -29.36 0.76
N LYS B 65 -43.04 -29.13 0.91
CA LYS B 65 -44.01 -30.13 0.48
C LYS B 65 -43.90 -30.34 -1.03
N GLY B 66 -43.83 -31.59 -1.44
CA GLY B 66 -43.69 -31.90 -2.85
C GLY B 66 -42.26 -32.26 -3.23
N ARG B 67 -41.29 -31.71 -2.51
CA ARG B 67 -39.88 -31.99 -2.80
C ARG B 67 -39.29 -32.94 -1.76
N PHE B 68 -39.52 -32.66 -0.48
CA PHE B 68 -39.01 -33.48 0.62
C PHE B 68 -40.06 -34.54 0.96
N THR B 69 -39.63 -35.58 1.65
CA THR B 69 -40.53 -36.67 2.03
C THR B 69 -40.00 -37.41 3.25
N ILE B 70 -40.80 -37.48 4.30
CA ILE B 70 -40.35 -38.18 5.49
C ILE B 70 -40.95 -39.57 5.51
N SER B 71 -40.17 -40.53 5.98
CA SER B 71 -40.60 -41.90 6.08
C SER B 71 -39.82 -42.51 7.25
N ARG B 72 -40.13 -43.74 7.61
CA ARG B 72 -39.44 -44.38 8.72
C ARG B 72 -39.52 -45.88 8.60
N ASP B 73 -38.43 -46.55 8.95
CA ASP B 73 -38.36 -48.00 8.93
C ASP B 73 -38.33 -48.45 10.39
N ASN B 74 -39.51 -48.65 10.95
CA ASN B 74 -39.63 -49.05 12.36
C ASN B 74 -39.01 -50.37 12.79
N ALA B 75 -38.65 -51.23 11.84
CA ALA B 75 -38.01 -52.51 12.17
C ALA B 75 -36.52 -52.27 12.45
N LYS B 76 -35.89 -51.43 11.64
CA LYS B 76 -34.48 -51.14 11.83
C LYS B 76 -34.26 -49.86 12.63
N ASN B 77 -35.34 -49.24 13.10
CA ASN B 77 -35.27 -48.01 13.88
C ASN B 77 -34.55 -46.90 13.11
N ASN B 78 -35.01 -46.64 11.89
CA ASN B 78 -34.40 -45.62 11.06
C ASN B 78 -35.41 -44.62 10.54
N LEU B 79 -35.03 -43.34 10.58
CA LEU B 79 -35.90 -42.28 10.08
C LEU B 79 -35.27 -41.76 8.81
N TYR B 80 -36.07 -41.62 7.75
CA TYR B 80 -35.53 -41.16 6.49
C TYR B 80 -36.19 -39.89 6.00
N LEU B 81 -35.47 -39.18 5.13
CA LEU B 81 -35.95 -37.97 4.50
C LEU B 81 -35.49 -38.07 3.05
N GLN B 82 -36.44 -37.91 2.14
CA GLN B 82 -36.17 -37.97 0.71
C GLN B 82 -36.16 -36.55 0.22
N MET B 83 -35.02 -36.12 -0.28
CA MET B 83 -34.85 -34.76 -0.78
C MET B 83 -34.80 -34.75 -2.30
N SER B 84 -35.80 -34.09 -2.91
CA SER B 84 -35.88 -33.97 -4.36
C SER B 84 -36.01 -32.51 -4.78
N SER B 85 -35.75 -32.22 -6.05
CA SER B 85 -35.83 -30.86 -6.59
C SER B 85 -35.10 -29.84 -5.72
N LEU B 86 -33.89 -30.19 -5.29
CA LEU B 86 -33.08 -29.34 -4.42
C LEU B 86 -32.79 -27.93 -4.94
N ARG B 87 -32.66 -27.01 -3.99
CA ARG B 87 -32.38 -25.61 -4.29
C ARG B 87 -31.28 -25.16 -3.33
N SER B 88 -30.68 -24.01 -3.61
CA SER B 88 -29.62 -23.47 -2.75
C SER B 88 -30.19 -23.22 -1.35
N GLU B 89 -31.46 -22.83 -1.30
CA GLU B 89 -32.17 -22.55 -0.04
C GLU B 89 -32.06 -23.70 0.95
N ASP B 90 -32.09 -24.92 0.43
CA ASP B 90 -32.04 -26.12 1.25
C ASP B 90 -30.72 -26.42 1.93
N THR B 91 -29.67 -25.67 1.58
CA THR B 91 -28.36 -25.88 2.18
C THR B 91 -28.41 -25.57 3.68
N ALA B 92 -28.27 -26.60 4.50
CA ALA B 92 -28.32 -26.43 5.94
C ALA B 92 -27.85 -27.69 6.68
N LEU B 93 -27.78 -27.58 8.00
CA LEU B 93 -27.38 -28.69 8.84
C LEU B 93 -28.72 -29.35 9.11
N TYR B 94 -28.78 -30.67 8.93
CA TYR B 94 -30.02 -31.41 9.13
C TYR B 94 -30.03 -32.27 10.39
N TYR B 95 -30.94 -31.95 11.30
CA TYR B 95 -31.11 -32.66 12.56
C TYR B 95 -32.36 -33.50 12.52
N CYS B 96 -32.37 -34.58 13.28
CA CYS B 96 -33.56 -35.42 13.40
C CYS B 96 -33.85 -35.38 14.90
N ALA B 97 -35.13 -35.26 15.24
CA ALA B 97 -35.51 -35.16 16.64
C ALA B 97 -36.58 -36.14 17.11
N ARG B 98 -36.51 -36.46 18.40
CA ARG B 98 -37.44 -37.37 19.06
C ARG B 98 -38.47 -36.57 19.83
N TYR B 99 -39.73 -36.97 19.72
CA TYR B 99 -40.86 -36.30 20.38
C TYR B 99 -41.19 -36.95 21.70
N TYR B 100 -41.31 -36.14 22.76
CA TYR B 100 -41.64 -36.66 24.08
C TYR B 100 -43.16 -36.70 24.17
N ARG B 101 -43.72 -37.91 24.07
CA ARG B 101 -45.17 -38.12 24.12
C ARG B 101 -45.88 -37.22 25.13
N TYR B 102 -46.82 -36.42 24.63
CA TYR B 102 -47.62 -35.52 25.45
C TYR B 102 -46.78 -34.55 26.31
N GLU B 103 -45.50 -34.38 25.96
CA GLU B 103 -44.63 -33.51 26.72
C GLU B 103 -44.01 -32.35 25.93
N ALA B 104 -42.97 -32.64 25.14
CA ALA B 104 -42.28 -31.62 24.34
C ALA B 104 -42.00 -32.16 22.95
N TRP B 105 -41.80 -31.26 21.99
CA TRP B 105 -41.53 -31.65 20.60
C TRP B 105 -40.16 -32.27 20.32
N PHE B 106 -39.11 -31.46 20.43
CA PHE B 106 -37.76 -31.96 20.16
C PHE B 106 -37.05 -32.27 21.47
N ALA B 107 -37.36 -33.42 22.05
CA ALA B 107 -36.78 -33.86 23.31
C ALA B 107 -35.33 -34.30 23.17
N SER B 108 -34.98 -34.82 22.01
CA SER B 108 -33.60 -35.27 21.77
C SER B 108 -33.24 -35.01 20.31
N TRP B 109 -32.01 -34.57 20.08
CA TRP B 109 -31.50 -34.25 18.76
C TRP B 109 -30.33 -35.15 18.38
N GLY B 110 -29.58 -34.78 17.34
CA GLY B 110 -28.44 -35.56 16.89
C GLY B 110 -27.21 -34.68 16.63
N GLN B 111 -26.09 -35.28 16.22
CA GLN B 111 -24.86 -34.52 15.97
C GLN B 111 -25.09 -33.59 14.80
N GLY B 112 -25.91 -34.05 13.85
CA GLY B 112 -26.22 -33.26 12.68
C GLY B 112 -25.34 -33.60 11.48
N THR B 113 -25.96 -33.71 10.32
CA THR B 113 -25.25 -33.99 9.09
C THR B 113 -25.54 -32.86 8.09
N LEU B 114 -24.48 -32.16 7.67
CA LEU B 114 -24.59 -31.05 6.75
C LEU B 114 -24.67 -31.46 5.27
N VAL B 115 -25.57 -30.82 4.54
CA VAL B 115 -25.73 -31.08 3.11
C VAL B 115 -25.59 -29.73 2.42
N THR B 116 -24.84 -29.70 1.33
CA THR B 116 -24.62 -28.45 0.61
C THR B 116 -25.13 -28.60 -0.82
N VAL B 117 -26.13 -27.80 -1.18
CA VAL B 117 -26.67 -27.83 -2.53
C VAL B 117 -25.97 -26.70 -3.27
N SER B 118 -25.07 -27.05 -4.17
CA SER B 118 -24.35 -26.03 -4.92
C SER B 118 -23.73 -26.59 -6.17
N ALA B 119 -23.57 -25.72 -7.16
CA ALA B 119 -22.98 -26.11 -8.44
C ALA B 119 -21.46 -26.05 -8.38
N ALA B 120 -20.93 -25.60 -7.25
CA ALA B 120 -19.48 -25.51 -7.06
C ALA B 120 -18.91 -26.93 -7.04
N LYS B 121 -17.62 -27.06 -7.28
CA LYS B 121 -17.00 -28.38 -7.28
C LYS B 121 -16.16 -28.60 -6.05
N THR B 122 -15.98 -29.87 -5.69
CA THR B 122 -15.18 -30.24 -4.53
C THR B 122 -13.74 -29.85 -4.78
N THR B 123 -13.13 -29.20 -3.80
CA THR B 123 -11.75 -28.76 -3.89
C THR B 123 -11.04 -29.17 -2.61
N ALA B 124 -9.87 -29.77 -2.74
CA ALA B 124 -9.09 -30.21 -1.59
C ALA B 124 -8.38 -29.01 -0.99
N PRO B 125 -8.25 -29.00 0.34
CA PRO B 125 -7.58 -27.88 1.01
C PRO B 125 -6.05 -27.94 0.90
N SER B 126 -5.43 -26.79 1.13
CA SER B 126 -3.98 -26.67 1.13
C SER B 126 -3.67 -26.42 2.60
N VAL B 127 -2.85 -27.27 3.20
CA VAL B 127 -2.51 -27.10 4.60
C VAL B 127 -1.11 -26.53 4.72
N TYR B 128 -0.99 -25.41 5.44
CA TYR B 128 0.29 -24.74 5.61
C TYR B 128 0.67 -24.61 7.08
N PRO B 129 1.96 -24.83 7.40
CA PRO B 129 2.48 -24.73 8.76
C PRO B 129 2.60 -23.27 9.17
N LEU B 130 2.33 -22.97 10.43
CA LEU B 130 2.45 -21.60 10.91
C LEU B 130 3.26 -21.57 12.20
N ALA B 131 4.42 -20.93 12.14
CA ALA B 131 5.32 -20.81 13.28
C ALA B 131 5.99 -19.43 13.21
N PRO B 132 6.50 -18.92 14.35
CA PRO B 132 7.17 -17.62 14.37
C PRO B 132 8.51 -17.64 13.64
N VAL B 133 8.90 -16.50 13.05
CA VAL B 133 10.17 -16.40 12.33
C VAL B 133 11.29 -16.88 13.23
N CYS B 134 12.27 -17.58 12.67
CA CYS B 134 13.42 -18.09 13.42
C CYS B 134 13.04 -18.90 14.67
N GLY B 135 11.75 -19.21 14.83
CA GLY B 135 11.28 -19.94 15.99
C GLY B 135 11.29 -19.04 17.22
N ASP B 136 11.25 -17.74 16.98
CA ASP B 136 11.27 -16.72 18.01
C ASP B 136 10.30 -16.95 19.16
N THR B 137 10.86 -16.96 20.36
CA THR B 137 10.12 -17.19 21.59
C THR B 137 9.34 -15.95 22.04
N THR B 138 8.24 -16.19 22.77
CA THR B 138 7.39 -15.14 23.29
C THR B 138 7.27 -15.39 24.80
N GLY B 139 8.41 -15.37 25.49
CA GLY B 139 8.42 -15.63 26.91
C GLY B 139 8.30 -17.12 27.21
N SER B 140 7.48 -17.45 28.21
CA SER B 140 7.28 -18.84 28.63
C SER B 140 6.31 -19.65 27.76
N SER B 141 5.96 -19.14 26.59
CA SER B 141 5.04 -19.84 25.71
C SER B 141 5.32 -19.60 24.23
N VAL B 142 4.72 -20.45 23.41
CA VAL B 142 4.86 -20.38 21.97
C VAL B 142 3.52 -20.72 21.36
N THR B 143 3.06 -19.89 20.43
CA THR B 143 1.79 -20.14 19.76
C THR B 143 2.07 -20.58 18.33
N LEU B 144 1.55 -21.76 17.99
CA LEU B 144 1.73 -22.30 16.65
C LEU B 144 0.38 -22.25 15.95
N GLY B 145 0.38 -22.45 14.65
CA GLY B 145 -0.85 -22.40 13.92
C GLY B 145 -0.86 -23.34 12.74
N CYS B 146 -1.95 -23.30 11.99
CA CYS B 146 -2.10 -24.15 10.82
C CYS B 146 -3.18 -23.48 9.96
N LEU B 147 -2.91 -23.34 8.68
CA LEU B 147 -3.85 -22.70 7.76
C LEU B 147 -4.33 -23.65 6.68
N VAL B 148 -5.64 -23.87 6.63
CA VAL B 148 -6.23 -24.74 5.62
C VAL B 148 -6.94 -23.78 4.66
N LYS B 149 -6.40 -23.64 3.47
CA LYS B 149 -6.92 -22.70 2.47
C LYS B 149 -7.55 -23.32 1.24
N GLY B 150 -8.62 -22.69 0.76
CA GLY B 150 -9.30 -23.12 -0.45
C GLY B 150 -9.89 -24.53 -0.53
N TYR B 151 -10.95 -24.79 0.22
CA TYR B 151 -11.59 -26.10 0.16
C TYR B 151 -13.10 -25.97 0.00
N PHE B 152 -13.74 -27.02 -0.50
CA PHE B 152 -15.19 -27.05 -0.71
C PHE B 152 -15.64 -28.49 -0.82
N PRO B 153 -16.71 -28.86 -0.09
CA PRO B 153 -17.51 -28.05 0.82
C PRO B 153 -16.94 -27.92 2.25
N GLU B 154 -17.73 -27.27 3.10
CA GLU B 154 -17.38 -26.97 4.49
C GLU B 154 -16.82 -28.05 5.41
N PRO B 155 -17.47 -29.22 5.49
CA PRO B 155 -16.98 -30.29 6.36
C PRO B 155 -15.47 -30.58 6.30
N VAL B 156 -14.75 -30.11 7.30
CA VAL B 156 -13.30 -30.34 7.42
C VAL B 156 -12.97 -30.57 8.90
N THR B 157 -11.97 -31.40 9.17
CA THR B 157 -11.59 -31.72 10.53
C THR B 157 -10.11 -31.41 10.79
N LEU B 158 -9.82 -30.73 11.89
CA LEU B 158 -8.46 -30.36 12.22
C LEU B 158 -8.21 -30.64 13.69
N THR B 159 -7.12 -31.35 13.98
CA THR B 159 -6.74 -31.68 15.35
C THR B 159 -5.22 -31.57 15.46
N TRP B 160 -4.73 -31.50 16.69
CA TRP B 160 -3.30 -31.41 16.91
C TRP B 160 -2.83 -32.71 17.55
N ASN B 161 -1.81 -33.31 16.96
CA ASN B 161 -1.26 -34.56 17.49
C ASN B 161 -2.35 -35.60 17.73
N SER B 162 -3.20 -35.79 16.73
CA SER B 162 -4.29 -36.76 16.79
C SER B 162 -5.24 -36.58 17.97
N GLY B 163 -5.25 -35.40 18.58
CA GLY B 163 -6.13 -35.17 19.70
C GLY B 163 -5.42 -34.97 21.03
N SER B 164 -4.11 -35.25 21.07
CA SER B 164 -3.33 -35.08 22.29
C SER B 164 -3.43 -33.62 22.70
N LEU B 165 -3.12 -32.73 21.76
CA LEU B 165 -3.20 -31.31 22.03
C LEU B 165 -4.66 -30.90 21.87
N SER B 166 -5.28 -30.51 22.98
CA SER B 166 -6.67 -30.09 22.97
C SER B 166 -6.86 -28.88 23.87
N SER B 167 -5.98 -28.76 24.86
CA SER B 167 -6.04 -27.67 25.84
C SER B 167 -6.12 -26.25 25.27
N GLY B 168 -4.98 -25.68 24.92
CA GLY B 168 -4.96 -24.32 24.40
C GLY B 168 -5.10 -24.20 22.91
N VAL B 169 -6.15 -24.80 22.36
CA VAL B 169 -6.41 -24.75 20.93
C VAL B 169 -7.40 -23.63 20.63
N HIS B 170 -7.47 -23.22 19.36
CA HIS B 170 -8.37 -22.16 18.91
C HIS B 170 -8.67 -22.39 17.44
N THR B 171 -9.75 -23.10 17.15
CA THR B 171 -10.12 -23.35 15.77
C THR B 171 -11.10 -22.26 15.37
N PHE B 172 -10.72 -21.47 14.37
CA PHE B 172 -11.54 -20.37 13.90
C PHE B 172 -12.55 -20.83 12.86
N PRO B 173 -13.78 -20.30 12.92
CA PRO B 173 -14.81 -20.68 11.96
C PRO B 173 -14.41 -20.37 10.52
N ALA B 174 -14.76 -21.26 9.60
CA ALA B 174 -14.41 -21.09 8.20
C ALA B 174 -15.10 -19.88 7.57
N VAL B 175 -14.35 -19.15 6.76
CA VAL B 175 -14.89 -17.97 6.09
C VAL B 175 -14.92 -18.26 4.60
N LEU B 176 -16.11 -18.22 4.03
CA LEU B 176 -16.32 -18.48 2.61
C LEU B 176 -16.03 -17.24 1.79
N GLN B 177 -15.46 -17.46 0.62
CA GLN B 177 -15.14 -16.38 -0.31
C GLN B 177 -14.73 -16.98 -1.65
N SER B 178 -15.45 -16.61 -2.69
CA SER B 178 -15.19 -17.09 -4.05
C SER B 178 -15.35 -18.60 -4.14
N ASP B 179 -16.44 -19.11 -3.57
CA ASP B 179 -16.73 -20.56 -3.58
C ASP B 179 -15.63 -21.43 -3.01
N LEU B 180 -14.89 -20.91 -2.05
CA LEU B 180 -13.80 -21.64 -1.40
C LEU B 180 -13.74 -21.25 0.07
N TYR B 181 -13.44 -22.22 0.93
CA TYR B 181 -13.36 -21.97 2.36
C TYR B 181 -11.92 -21.87 2.86
N THR B 182 -11.75 -21.08 3.92
CA THR B 182 -10.46 -20.90 4.57
C THR B 182 -10.73 -21.04 6.07
N LEU B 183 -9.87 -21.77 6.77
CA LEU B 183 -9.99 -21.98 8.21
C LEU B 183 -8.58 -22.04 8.80
N SER B 184 -8.46 -21.75 10.10
CA SER B 184 -7.15 -21.79 10.75
C SER B 184 -7.31 -22.16 12.22
N SER B 185 -6.23 -22.66 12.82
CA SER B 185 -6.27 -23.06 14.22
C SER B 185 -4.94 -22.72 14.86
N SER B 186 -5.00 -22.27 16.11
CA SER B 186 -3.81 -21.92 16.87
C SER B 186 -3.72 -22.85 18.06
N VAL B 187 -2.50 -23.03 18.57
CA VAL B 187 -2.26 -23.87 19.74
C VAL B 187 -1.14 -23.20 20.52
N THR B 188 -1.36 -23.01 21.81
CA THR B 188 -0.36 -22.38 22.67
C THR B 188 0.26 -23.40 23.60
N VAL B 189 1.56 -23.61 23.43
CA VAL B 189 2.29 -24.58 24.24
C VAL B 189 3.50 -23.89 24.88
N THR B 190 3.98 -24.43 26.00
CA THR B 190 5.13 -23.85 26.69
C THR B 190 6.40 -23.98 25.85
N SER B 191 7.33 -23.05 26.05
CA SER B 191 8.58 -23.02 25.32
C SER B 191 9.29 -24.38 25.35
N SER B 192 9.15 -25.10 26.46
CA SER B 192 9.78 -26.39 26.63
C SER B 192 9.06 -27.55 25.93
N THR B 193 8.09 -27.23 25.07
CA THR B 193 7.35 -28.27 24.38
C THR B 193 7.64 -28.37 22.88
N TRP B 194 7.27 -27.33 22.13
CA TRP B 194 7.45 -27.33 20.68
C TRP B 194 8.85 -27.56 20.11
N PRO B 195 9.79 -26.65 20.39
CA PRO B 195 11.13 -26.87 19.83
C PRO B 195 11.70 -28.25 20.17
N SER B 196 11.32 -28.75 21.36
CA SER B 196 11.78 -30.04 21.83
C SER B 196 11.11 -31.19 21.07
N GLN B 197 9.78 -31.26 21.16
CA GLN B 197 9.03 -32.30 20.47
C GLN B 197 8.08 -31.64 19.49
N SER B 198 8.22 -32.00 18.21
CA SER B 198 7.40 -31.44 17.15
C SER B 198 5.90 -31.64 17.35
N ILE B 199 5.14 -30.61 16.96
CA ILE B 199 3.69 -30.62 17.05
C ILE B 199 3.21 -30.82 15.61
N THR B 200 2.18 -31.65 15.43
CA THR B 200 1.65 -31.92 14.09
C THR B 200 0.19 -31.51 13.92
N CYS B 201 -0.11 -30.95 12.74
CA CYS B 201 -1.44 -30.50 12.37
C CYS B 201 -2.14 -31.58 11.54
N ASN B 202 -3.18 -32.20 12.10
CA ASN B 202 -3.92 -33.24 11.40
C ASN B 202 -5.16 -32.64 10.77
N VAL B 203 -5.25 -32.71 9.45
CA VAL B 203 -6.38 -32.15 8.72
C VAL B 203 -7.03 -33.23 7.84
N ALA B 204 -8.36 -33.28 7.86
CA ALA B 204 -9.08 -34.26 7.08
C ALA B 204 -10.29 -33.65 6.38
N HIS B 205 -10.32 -33.74 5.06
CA HIS B 205 -11.43 -33.22 4.27
C HIS B 205 -12.10 -34.42 3.62
N PRO B 206 -13.14 -34.97 4.27
CA PRO B 206 -13.90 -36.12 3.81
C PRO B 206 -14.33 -36.06 2.36
N ALA B 207 -14.94 -34.95 1.96
CA ALA B 207 -15.43 -34.79 0.60
C ALA B 207 -14.43 -35.17 -0.50
N SER B 208 -13.15 -35.02 -0.23
CA SER B 208 -12.13 -35.36 -1.21
C SER B 208 -11.14 -36.40 -0.72
N SER B 209 -11.55 -37.19 0.26
CA SER B 209 -10.69 -38.23 0.82
C SER B 209 -9.31 -37.70 1.20
N THR B 210 -9.25 -36.40 1.50
CA THR B 210 -8.00 -35.74 1.88
C THR B 210 -7.75 -35.91 3.38
N LYS B 211 -6.50 -36.20 3.72
CA LYS B 211 -6.11 -36.39 5.10
C LYS B 211 -4.60 -36.15 5.12
N VAL B 212 -4.18 -35.05 5.73
CA VAL B 212 -2.77 -34.71 5.80
C VAL B 212 -2.33 -34.24 7.19
N ASP B 213 -1.17 -34.73 7.62
CA ASP B 213 -0.59 -34.38 8.91
C ASP B 213 0.64 -33.50 8.63
N LYS B 214 0.53 -32.21 8.91
CA LYS B 214 1.63 -31.28 8.67
C LYS B 214 2.35 -30.93 9.98
N LYS B 215 3.62 -31.32 10.08
CA LYS B 215 4.43 -31.04 11.27
C LYS B 215 4.84 -29.57 11.30
N ILE B 216 4.79 -28.95 12.47
CA ILE B 216 5.18 -27.56 12.62
C ILE B 216 6.66 -27.54 13.01
N GLU B 217 7.52 -27.12 12.08
CA GLU B 217 8.95 -27.03 12.30
C GLU B 217 9.39 -25.57 12.26
N PRO B 218 10.50 -25.23 12.94
CA PRO B 218 11.00 -23.85 12.97
C PRO B 218 11.94 -23.56 11.82
N ASP C 1 -8.82 27.52 -17.08
CA ASP C 1 -8.43 26.51 -16.05
C ASP C 1 -7.86 27.22 -14.83
N VAL C 2 -7.66 26.48 -13.76
CA VAL C 2 -7.16 27.05 -12.52
C VAL C 2 -5.65 27.31 -12.49
N LEU C 3 -5.29 28.58 -12.66
CA LEU C 3 -3.89 28.97 -12.61
C LEU C 3 -3.48 29.24 -11.17
N MET C 4 -2.30 28.77 -10.79
CA MET C 4 -1.77 28.95 -9.45
C MET C 4 -0.82 30.13 -9.50
N THR C 5 -0.75 30.91 -8.42
CA THR C 5 0.13 32.07 -8.37
C THR C 5 0.90 32.11 -7.06
N GLN C 6 2.22 31.92 -7.17
CA GLN C 6 3.11 31.92 -6.01
C GLN C 6 3.66 33.29 -5.59
N THR C 7 3.94 33.42 -4.30
CA THR C 7 4.47 34.67 -3.75
C THR C 7 5.29 34.28 -2.54
N PRO C 8 6.54 34.79 -2.44
CA PRO C 8 7.17 35.69 -3.40
C PRO C 8 7.85 34.93 -4.55
N VAL C 9 8.53 35.66 -5.42
CA VAL C 9 9.26 35.05 -6.52
C VAL C 9 10.63 34.69 -5.95
N SER C 10 11.35 35.70 -5.49
CA SER C 10 12.67 35.48 -4.88
C SER C 10 12.48 35.53 -3.37
N LEU C 11 13.31 34.81 -2.64
CA LEU C 11 13.22 34.76 -1.19
C LEU C 11 14.59 34.50 -0.59
N SER C 12 15.23 35.53 -0.06
CA SER C 12 16.55 35.37 0.56
C SER C 12 16.44 35.34 2.09
N VAL C 13 16.57 34.15 2.66
CA VAL C 13 16.48 34.00 4.10
C VAL C 13 17.82 33.63 4.70
N SER C 14 18.10 34.12 5.90
CA SER C 14 19.35 33.81 6.60
C SER C 14 19.20 32.44 7.25
N LEU C 15 20.28 31.67 7.23
CA LEU C 15 20.32 30.33 7.83
C LEU C 15 19.79 30.35 9.25
N GLY C 16 18.76 29.56 9.51
CA GLY C 16 18.16 29.51 10.83
C GLY C 16 16.78 30.12 10.88
N ASP C 17 16.57 31.18 10.11
CA ASP C 17 15.27 31.84 10.07
C ASP C 17 14.25 30.98 9.35
N GLN C 18 12.98 31.37 9.46
CA GLN C 18 11.87 30.67 8.83
C GLN C 18 11.49 31.25 7.47
N ALA C 19 10.83 30.45 6.64
CA ALA C 19 10.39 30.90 5.31
C ALA C 19 8.95 30.49 5.04
N SER C 20 8.16 31.44 4.56
CA SER C 20 6.75 31.19 4.24
C SER C 20 6.62 31.41 2.74
N ILE C 21 5.85 30.56 2.08
CA ILE C 21 5.65 30.68 0.64
C ILE C 21 4.18 30.43 0.35
N SER C 22 3.51 31.41 -0.24
CA SER C 22 2.09 31.27 -0.57
C SER C 22 1.92 30.80 -2.01
N CYS C 23 0.70 30.40 -2.35
CA CYS C 23 0.34 29.91 -3.68
C CYS C 23 -1.18 29.97 -3.79
N ARG C 24 -1.69 31.00 -4.47
CA ARG C 24 -3.13 31.17 -4.61
C ARG C 24 -3.66 30.67 -5.95
N SER C 25 -4.78 29.96 -5.93
CA SER C 25 -5.38 29.44 -7.16
C SER C 25 -6.48 30.39 -7.62
N SER C 26 -6.45 30.75 -8.90
CA SER C 26 -7.44 31.65 -9.49
C SER C 26 -8.86 31.19 -9.17
N GLN C 27 -9.10 29.90 -9.41
CA GLN C 27 -10.39 29.29 -9.16
C GLN C 27 -10.22 28.27 -8.06
N SER C 28 -11.33 27.89 -7.44
CA SER C 28 -11.35 26.94 -6.34
C SER C 28 -10.84 25.56 -6.73
N ILE C 29 -10.05 24.95 -5.86
CA ILE C 29 -9.55 23.60 -6.09
C ILE C 29 -10.00 22.66 -4.97
N VAL C 30 -10.71 23.21 -3.99
CA VAL C 30 -11.20 22.43 -2.86
C VAL C 30 -12.32 21.48 -3.28
N HIS C 31 -12.30 20.28 -2.72
CA HIS C 31 -13.31 19.27 -3.02
C HIS C 31 -14.15 18.95 -1.78
N SER C 32 -15.34 18.42 -2.03
CA SER C 32 -16.26 18.02 -0.98
C SER C 32 -16.12 16.52 -0.76
N THR C 33 -16.00 15.80 -1.88
CA THR C 33 -15.83 14.35 -1.87
C THR C 33 -14.47 14.02 -1.25
N GLY C 34 -13.41 14.56 -1.85
CA GLY C 34 -12.08 14.32 -1.34
C GLY C 34 -11.02 14.64 -2.38
N ASN C 35 -9.96 13.82 -2.39
CA ASN C 35 -8.84 13.97 -3.32
C ASN C 35 -8.46 15.38 -3.77
N THR C 36 -8.45 16.34 -2.84
CA THR C 36 -8.06 17.71 -3.17
C THR C 36 -6.54 17.69 -3.41
N TYR C 37 -6.15 17.54 -4.66
CA TYR C 37 -4.74 17.47 -5.01
C TYR C 37 -3.99 18.80 -5.06
N LEU C 38 -3.37 19.15 -3.93
CA LEU C 38 -2.58 20.36 -3.81
C LEU C 38 -1.26 19.81 -3.31
N GLU C 39 -0.18 20.09 -4.03
CA GLU C 39 1.14 19.57 -3.67
C GLU C 39 2.24 20.61 -3.79
N TRP C 40 3.39 20.30 -3.19
CA TRP C 40 4.57 21.17 -3.20
C TRP C 40 5.77 20.37 -3.66
N TYR C 41 6.55 20.96 -4.56
CA TYR C 41 7.76 20.30 -5.08
C TYR C 41 8.97 21.21 -4.91
N LEU C 42 10.10 20.61 -4.55
CA LEU C 42 11.35 21.32 -4.39
C LEU C 42 12.29 20.85 -5.48
N GLN C 43 12.95 21.79 -6.13
CA GLN C 43 13.90 21.46 -7.19
C GLN C 43 15.25 22.08 -6.88
N LYS C 44 16.12 21.30 -6.24
CA LYS C 44 17.46 21.79 -5.90
C LYS C 44 18.18 21.91 -7.24
N PRO C 45 19.15 22.83 -7.33
CA PRO C 45 19.88 23.01 -8.60
C PRO C 45 20.60 21.73 -9.02
N GLY C 46 20.57 21.46 -10.32
CA GLY C 46 21.21 20.28 -10.87
C GLY C 46 20.46 19.00 -10.62
N GLN C 47 19.24 19.11 -10.09
CA GLN C 47 18.43 17.93 -9.79
C GLN C 47 16.98 18.14 -10.17
N SER C 48 16.29 17.04 -10.49
CA SER C 48 14.89 17.08 -10.84
C SER C 48 14.08 17.36 -9.57
N PRO C 49 12.86 17.92 -9.72
CA PRO C 49 12.05 18.22 -8.53
C PRO C 49 11.72 17.03 -7.62
N LYS C 50 11.44 17.34 -6.37
CA LYS C 50 11.12 16.35 -5.35
C LYS C 50 9.84 16.72 -4.63
N LEU C 51 8.96 15.72 -4.46
CA LEU C 51 7.70 15.92 -3.78
C LEU C 51 7.95 16.04 -2.29
N LEU C 52 7.52 17.16 -1.71
CA LEU C 52 7.70 17.39 -0.28
C LEU C 52 6.39 17.24 0.48
N ILE C 53 5.36 17.94 0.01
CA ILE C 53 4.04 17.93 0.64
C ILE C 53 2.97 17.55 -0.36
N TYR C 54 2.03 16.70 0.05
CA TYR C 54 0.91 16.28 -0.78
C TYR C 54 -0.40 16.51 -0.03
N LYS C 55 -1.48 16.72 -0.78
CA LYS C 55 -2.78 16.97 -0.18
C LYS C 55 -2.71 18.06 0.90
N ILE C 56 -2.29 19.24 0.46
CA ILE C 56 -2.15 20.44 1.31
C ILE C 56 -1.17 20.33 2.46
N SER C 57 -1.52 19.52 3.46
CA SER C 57 -0.70 19.36 4.65
C SER C 57 0.27 18.19 4.67
N ASN C 58 -0.24 16.99 4.38
CA ASN C 58 0.54 15.75 4.42
C ASN C 58 1.97 15.82 3.89
N ARG C 59 2.90 15.38 4.74
CA ARG C 59 4.32 15.38 4.44
C ARG C 59 4.73 14.07 3.77
N PHE C 60 5.68 14.14 2.85
CA PHE C 60 6.14 12.94 2.15
C PHE C 60 7.26 12.23 2.89
N SER C 61 7.56 11.01 2.46
CA SER C 61 8.61 10.19 3.07
C SER C 61 9.99 10.84 2.96
N GLY C 62 10.72 10.83 4.06
CA GLY C 62 12.06 11.39 4.08
C GLY C 62 12.11 12.91 4.15
N VAL C 63 10.95 13.56 4.07
CA VAL C 63 10.90 15.02 4.14
C VAL C 63 10.99 15.42 5.61
N PRO C 64 11.95 16.30 5.95
CA PRO C 64 12.17 16.78 7.32
C PRO C 64 10.93 17.40 7.96
N ASP C 65 10.85 17.31 9.28
CA ASP C 65 9.73 17.87 10.03
C ASP C 65 9.64 19.39 9.93
N ARG C 66 10.75 20.04 9.59
CA ARG C 66 10.78 21.48 9.47
C ARG C 66 9.93 22.04 8.34
N PHE C 67 9.51 21.17 7.43
CA PHE C 67 8.67 21.58 6.30
C PHE C 67 7.22 21.43 6.74
N SER C 68 6.39 22.40 6.38
CA SER C 68 4.99 22.37 6.78
C SER C 68 4.03 22.78 5.65
N GLY C 69 3.06 21.91 5.36
CA GLY C 69 2.08 22.22 4.33
C GLY C 69 0.83 22.71 5.02
N SER C 70 0.31 23.86 4.61
CA SER C 70 -0.88 24.43 5.24
C SER C 70 -1.73 25.18 4.22
N GLY C 71 -2.81 25.79 4.71
CA GLY C 71 -3.69 26.55 3.85
C GLY C 71 -4.94 25.80 3.48
N SER C 72 -5.93 26.51 2.97
CA SER C 72 -7.21 25.93 2.55
C SER C 72 -8.02 26.97 1.81
N GLY C 73 -8.93 26.52 0.95
CA GLY C 73 -9.73 27.43 0.17
C GLY C 73 -9.02 27.65 -1.15
N THR C 74 -8.52 28.87 -1.37
CA THR C 74 -7.81 29.18 -2.61
C THR C 74 -6.35 29.57 -2.37
N ASP C 75 -5.98 29.76 -1.11
CA ASP C 75 -4.61 30.13 -0.77
C ASP C 75 -4.05 29.13 0.23
N PHE C 76 -2.87 28.62 -0.09
CA PHE C 76 -2.20 27.64 0.74
C PHE C 76 -0.81 28.19 1.03
N THR C 77 -0.08 27.57 1.95
CA THR C 77 1.23 28.07 2.30
C THR C 77 2.25 27.00 2.67
N LEU C 78 3.49 27.17 2.23
CA LEU C 78 4.55 26.24 2.54
C LEU C 78 5.43 26.94 3.57
N LYS C 79 5.63 26.29 4.71
CA LYS C 79 6.42 26.86 5.78
C LYS C 79 7.69 26.05 6.03
N ILE C 80 8.79 26.76 6.29
CA ILE C 80 10.08 26.13 6.57
C ILE C 80 10.53 26.75 7.89
N SER C 81 10.34 26.00 8.97
CA SER C 81 10.68 26.44 10.33
C SER C 81 12.08 27.01 10.48
N ARG C 82 13.09 26.17 10.26
CA ARG C 82 14.49 26.61 10.36
C ARG C 82 15.11 26.31 9.01
N VAL C 83 15.35 27.37 8.24
CA VAL C 83 15.93 27.23 6.91
C VAL C 83 17.40 26.85 6.93
N GLU C 84 17.73 25.80 6.18
CA GLU C 84 19.09 25.31 6.06
C GLU C 84 19.61 25.58 4.65
N ALA C 85 20.93 25.57 4.47
CA ALA C 85 21.53 25.81 3.17
C ALA C 85 21.07 24.74 2.18
N GLU C 86 20.77 23.57 2.72
CA GLU C 86 20.32 22.42 1.95
C GLU C 86 18.92 22.67 1.36
N ASP C 87 18.17 23.58 1.98
CA ASP C 87 16.81 23.91 1.56
C ASP C 87 16.71 24.87 0.39
N LEU C 88 17.84 25.32 -0.13
CA LEU C 88 17.82 26.26 -1.26
C LEU C 88 17.39 25.52 -2.52
N GLY C 89 16.71 26.24 -3.41
CA GLY C 89 16.23 25.65 -4.64
C GLY C 89 15.03 26.40 -5.15
N VAL C 90 14.11 25.69 -5.81
CA VAL C 90 12.90 26.32 -6.31
C VAL C 90 11.70 25.49 -5.90
N TYR C 91 10.74 26.13 -5.24
CA TYR C 91 9.54 25.46 -4.78
C TYR C 91 8.39 25.80 -5.70
N TYR C 92 7.72 24.77 -6.20
CA TYR C 92 6.56 24.93 -7.08
C TYR C 92 5.37 24.26 -6.41
N CYS C 93 4.20 24.86 -6.52
CA CYS C 93 3.00 24.24 -5.96
C CYS C 93 2.27 23.67 -7.17
N PHE C 94 1.51 22.59 -6.97
CA PHE C 94 0.78 21.97 -8.06
C PHE C 94 -0.63 21.54 -7.63
N GLN C 95 -1.59 21.69 -8.53
CA GLN C 95 -2.95 21.29 -8.24
C GLN C 95 -3.36 20.24 -9.28
N ALA C 96 -4.24 19.34 -8.87
CA ALA C 96 -4.70 18.30 -9.78
C ALA C 96 -6.15 17.98 -9.52
N SER C 97 -6.83 18.88 -8.81
CA SER C 97 -8.23 18.68 -8.47
C SER C 97 -9.14 19.05 -9.63
N HIS C 98 -8.54 19.35 -10.78
CA HIS C 98 -9.28 19.72 -11.97
C HIS C 98 -8.53 19.26 -13.21
N ALA C 99 -9.25 19.12 -14.33
CA ALA C 99 -8.68 18.64 -15.58
C ALA C 99 -7.31 19.19 -15.98
N PRO C 100 -7.22 20.48 -16.35
CA PRO C 100 -5.89 20.98 -16.73
C PRO C 100 -5.01 21.12 -15.49
N ARG C 101 -4.11 20.17 -15.29
CA ARG C 101 -3.21 20.19 -14.15
C ARG C 101 -2.29 21.39 -14.30
N THR C 102 -2.03 22.13 -13.23
CA THR C 102 -1.17 23.30 -13.31
C THR C 102 -0.14 23.44 -12.19
N PHE C 103 0.98 24.10 -12.50
CA PHE C 103 2.05 24.36 -11.53
C PHE C 103 2.12 25.86 -11.26
N GLY C 104 2.69 26.23 -10.12
CA GLY C 104 2.84 27.63 -9.80
C GLY C 104 4.09 28.17 -10.48
N GLY C 105 4.21 29.49 -10.56
CA GLY C 105 5.37 30.10 -11.21
C GLY C 105 6.72 29.72 -10.62
N GLY C 106 6.74 29.32 -9.36
CA GLY C 106 7.97 28.94 -8.71
C GLY C 106 8.53 30.04 -7.84
N THR C 107 9.10 29.64 -6.71
CA THR C 107 9.70 30.58 -5.77
C THR C 107 11.15 30.13 -5.50
N LYS C 108 12.09 31.00 -5.86
CA LYS C 108 13.52 30.75 -5.69
C LYS C 108 13.94 31.21 -4.29
N LEU C 109 14.59 30.33 -3.55
CA LEU C 109 15.04 30.61 -2.19
C LEU C 109 16.57 30.70 -2.08
N GLU C 110 17.06 31.83 -1.58
CA GLU C 110 18.50 32.04 -1.37
C GLU C 110 18.83 32.00 0.12
N ILE C 111 20.03 31.56 0.43
CA ILE C 111 20.52 31.47 1.80
C ILE C 111 21.53 32.60 2.05
N LYS C 112 21.18 33.51 2.96
CA LYS C 112 22.07 34.60 3.31
C LYS C 112 23.24 34.07 4.14
N ARG C 113 24.43 34.63 3.92
CA ARG C 113 25.62 34.24 4.67
C ARG C 113 26.53 35.47 4.74
N ALA C 114 27.69 35.30 5.40
CA ALA C 114 28.65 36.40 5.52
C ALA C 114 29.31 36.61 4.16
N ASP C 115 29.76 37.82 3.88
CA ASP C 115 30.41 38.11 2.62
C ASP C 115 31.65 37.25 2.49
N ALA C 116 31.95 36.83 1.26
CA ALA C 116 33.13 36.01 0.97
C ALA C 116 33.74 36.54 -0.33
N ALA C 117 35.04 36.77 -0.33
CA ALA C 117 35.71 37.27 -1.52
C ALA C 117 36.01 36.12 -2.45
N PRO C 118 35.96 36.37 -3.76
CA PRO C 118 36.23 35.32 -4.76
C PRO C 118 37.70 35.00 -4.94
N THR C 119 37.96 33.73 -5.27
CA THR C 119 39.31 33.28 -5.53
C THR C 119 39.42 33.39 -7.04
N VAL C 120 39.92 34.55 -7.47
CA VAL C 120 40.09 34.88 -8.88
C VAL C 120 41.34 34.23 -9.47
N SER C 121 41.21 33.78 -10.71
CA SER C 121 42.28 33.14 -11.46
C SER C 121 42.09 33.42 -12.94
N ILE C 122 43.15 33.91 -13.59
CA ILE C 122 43.10 34.23 -15.02
C ILE C 122 43.86 33.16 -15.80
N PHE C 123 43.40 32.86 -17.01
CA PHE C 123 44.02 31.86 -17.85
C PHE C 123 44.22 32.39 -19.25
N PRO C 124 45.45 32.28 -19.77
CA PRO C 124 45.76 32.74 -21.12
C PRO C 124 45.20 31.74 -22.14
N PRO C 125 44.96 32.18 -23.37
CA PRO C 125 44.43 31.27 -24.40
C PRO C 125 45.37 30.11 -24.68
N SER C 126 44.80 29.00 -25.14
CA SER C 126 45.58 27.82 -25.46
C SER C 126 46.24 27.99 -26.83
N SER C 127 47.33 27.27 -27.05
CA SER C 127 48.06 27.33 -28.33
C SER C 127 47.13 26.91 -29.47
N GLU C 128 46.39 25.84 -29.24
CA GLU C 128 45.44 25.28 -30.21
C GLU C 128 44.47 26.34 -30.74
N GLN C 129 43.86 27.08 -29.81
CA GLN C 129 42.92 28.13 -30.17
C GLN C 129 43.59 29.23 -30.99
N LEU C 130 44.80 29.62 -30.57
CA LEU C 130 45.54 30.67 -31.26
C LEU C 130 45.80 30.26 -32.71
N THR C 131 46.00 28.96 -32.91
CA THR C 131 46.25 28.40 -34.23
C THR C 131 45.04 28.55 -35.14
N SER C 132 43.85 28.49 -34.55
CA SER C 132 42.62 28.62 -35.34
C SER C 132 42.21 30.08 -35.56
N GLY C 133 43.04 31.01 -35.09
CA GLY C 133 42.76 32.42 -35.25
C GLY C 133 41.91 33.07 -34.16
N GLY C 134 41.88 32.47 -32.98
CA GLY C 134 41.09 33.04 -31.91
C GLY C 134 41.83 33.12 -30.59
N ALA C 135 41.38 33.98 -29.70
CA ALA C 135 42.01 34.12 -28.40
C ALA C 135 41.01 34.44 -27.30
N SER C 136 40.65 33.41 -26.52
CA SER C 136 39.72 33.58 -25.41
C SER C 136 40.49 33.49 -24.10
N VAL C 137 40.42 34.57 -23.32
CA VAL C 137 41.09 34.63 -22.03
C VAL C 137 39.98 34.40 -21.00
N VAL C 138 40.16 33.36 -20.19
CA VAL C 138 39.16 33.02 -19.19
C VAL C 138 39.62 33.34 -17.77
N CYS C 139 38.70 33.87 -16.97
CA CYS C 139 38.98 34.23 -15.59
C CYS C 139 37.85 33.65 -14.73
N PHE C 140 38.22 32.96 -13.67
CA PHE C 140 37.26 32.36 -12.75
C PHE C 140 37.19 33.11 -11.44
N LEU C 141 35.99 33.37 -10.97
CA LEU C 141 35.77 34.04 -9.70
C LEU C 141 34.96 33.02 -8.91
N ASN C 142 35.66 32.11 -8.25
CA ASN C 142 35.03 31.05 -7.50
C ASN C 142 34.78 31.34 -6.02
N ASN C 143 33.71 30.74 -5.53
CA ASN C 143 33.26 30.82 -4.14
C ASN C 143 33.26 32.18 -3.44
N PHE C 144 32.32 33.03 -3.83
CA PHE C 144 32.18 34.34 -3.23
C PHE C 144 30.73 34.57 -2.79
N TYR C 145 30.45 35.74 -2.21
CA TYR C 145 29.11 36.10 -1.77
C TYR C 145 29.13 37.57 -1.36
N PRO C 146 28.10 38.35 -1.73
CA PRO C 146 26.91 37.98 -2.52
C PRO C 146 27.18 37.88 -4.02
N LYS C 147 26.14 37.54 -4.78
CA LYS C 147 26.28 37.37 -6.23
C LYS C 147 26.67 38.66 -6.95
N ASP C 148 26.24 39.79 -6.41
CA ASP C 148 26.53 41.09 -6.99
C ASP C 148 28.03 41.37 -6.90
N ILE C 149 28.73 41.11 -8.00
CA ILE C 149 30.17 41.33 -8.09
C ILE C 149 30.50 41.78 -9.50
N ASN C 150 31.47 42.67 -9.63
CA ASN C 150 31.88 43.19 -10.92
C ASN C 150 33.22 42.61 -11.35
N VAL C 151 33.45 42.59 -12.66
CA VAL C 151 34.70 42.11 -13.20
C VAL C 151 35.06 42.96 -14.41
N LYS C 152 36.25 43.55 -14.37
CA LYS C 152 36.72 44.38 -15.47
C LYS C 152 37.95 43.76 -16.10
N TRP C 153 37.99 43.80 -17.42
CA TRP C 153 39.12 43.27 -18.17
C TRP C 153 39.96 44.43 -18.64
N LYS C 154 41.25 44.35 -18.38
CA LYS C 154 42.18 45.40 -18.76
C LYS C 154 43.32 44.90 -19.63
N ILE C 155 43.29 45.28 -20.90
CA ILE C 155 44.32 44.90 -21.85
C ILE C 155 45.37 46.01 -21.88
N ASP C 156 46.65 45.61 -21.80
CA ASP C 156 47.77 46.53 -21.78
C ASP C 156 47.62 47.69 -20.79
N GLY C 157 47.44 47.32 -19.52
CA GLY C 157 47.32 48.27 -18.43
C GLY C 157 46.34 49.42 -18.52
N SER C 158 45.37 49.34 -19.44
CA SER C 158 44.39 50.41 -19.59
C SER C 158 43.10 49.96 -20.26
N GLU C 159 43.22 49.51 -21.51
CA GLU C 159 42.07 49.09 -22.31
C GLU C 159 41.02 48.28 -21.55
N ARG C 160 39.94 48.95 -21.16
CA ARG C 160 38.87 48.25 -20.47
C ARG C 160 37.99 47.59 -21.52
N GLN C 161 38.31 46.35 -21.86
CA GLN C 161 37.54 45.61 -22.85
C GLN C 161 36.14 45.33 -22.33
N ASN C 162 35.17 45.26 -23.25
CA ASN C 162 33.79 45.02 -22.88
C ASN C 162 33.10 43.86 -23.61
N GLY C 163 33.81 43.21 -24.52
CA GLY C 163 33.24 42.08 -25.25
C GLY C 163 33.40 40.77 -24.49
N VAL C 164 32.88 40.74 -23.26
CA VAL C 164 33.00 39.57 -22.40
C VAL C 164 31.71 38.79 -22.22
N LEU C 165 31.88 37.50 -21.96
CA LEU C 165 30.76 36.59 -21.73
C LEU C 165 30.86 36.07 -20.31
N ASN C 166 29.90 36.43 -19.46
CA ASN C 166 29.92 36.00 -18.07
C ASN C 166 28.94 34.87 -17.80
N SER C 167 29.13 34.16 -16.71
CA SER C 167 28.26 33.07 -16.32
C SER C 167 28.37 32.83 -14.82
N TRP C 168 27.22 32.62 -14.17
CA TRP C 168 27.17 32.38 -12.72
C TRP C 168 26.50 31.05 -12.44
N THR C 169 27.02 30.30 -11.49
CA THR C 169 26.41 29.04 -11.08
C THR C 169 25.38 29.47 -10.03
N ASP C 170 24.45 28.60 -9.66
CA ASP C 170 23.50 29.01 -8.62
C ASP C 170 24.19 28.73 -7.30
N GLN C 171 23.67 29.31 -6.24
CA GLN C 171 24.22 29.14 -4.91
C GLN C 171 24.50 27.68 -4.60
N ASP C 172 25.70 27.41 -4.07
CA ASP C 172 26.10 26.07 -3.73
C ASP C 172 25.51 25.63 -2.38
N SER C 173 24.89 24.46 -2.37
CA SER C 173 24.25 23.92 -1.18
C SER C 173 25.19 23.65 -0.02
N LYS C 174 26.47 23.46 -0.33
CA LYS C 174 27.46 23.17 0.70
C LYS C 174 27.84 24.41 1.50
N ASP C 175 28.44 25.40 0.83
CA ASP C 175 28.88 26.61 1.51
C ASP C 175 28.06 27.87 1.25
N SER C 176 27.04 27.74 0.41
CA SER C 176 26.15 28.86 0.05
C SER C 176 26.79 29.98 -0.76
N THR C 177 27.95 29.74 -1.36
CA THR C 177 28.59 30.78 -2.16
C THR C 177 28.18 30.72 -3.63
N TYR C 178 28.74 31.63 -4.42
CA TYR C 178 28.50 31.68 -5.86
C TYR C 178 29.84 31.59 -6.58
N SER C 179 29.78 31.30 -7.87
CA SER C 179 30.98 31.21 -8.69
C SER C 179 30.58 31.68 -10.06
N MET C 180 31.50 32.37 -10.72
CA MET C 180 31.24 32.88 -12.04
C MET C 180 32.53 32.85 -12.85
N SER C 181 32.38 32.82 -14.17
CA SER C 181 33.53 32.82 -15.05
C SER C 181 33.30 33.93 -16.07
N SER C 182 34.37 34.63 -16.42
CA SER C 182 34.27 35.70 -17.39
C SER C 182 35.23 35.33 -18.53
N THR C 183 34.69 35.21 -19.72
CA THR C 183 35.51 34.85 -20.86
C THR C 183 35.56 35.99 -21.87
N LEU C 184 36.72 36.61 -21.98
CA LEU C 184 36.94 37.70 -22.93
C LEU C 184 37.38 37.04 -24.22
N THR C 185 36.62 37.26 -25.29
CA THR C 185 36.98 36.66 -26.57
C THR C 185 37.37 37.71 -27.58
N LEU C 186 38.60 37.60 -28.04
CA LEU C 186 39.16 38.52 -29.03
C LEU C 186 39.94 37.69 -30.06
N THR C 187 40.36 38.31 -31.16
CA THR C 187 41.08 37.59 -32.20
C THR C 187 42.54 37.34 -31.84
N LYS C 188 43.15 36.43 -32.58
CA LYS C 188 44.55 36.09 -32.39
C LYS C 188 45.41 37.30 -32.73
N ASP C 189 45.00 38.06 -33.74
CA ASP C 189 45.75 39.24 -34.15
C ASP C 189 45.62 40.37 -33.15
N GLU C 190 44.38 40.67 -32.75
CA GLU C 190 44.13 41.72 -31.78
C GLU C 190 44.82 41.38 -30.44
N TYR C 191 44.93 40.09 -30.13
CA TYR C 191 45.57 39.59 -28.90
C TYR C 191 47.10 39.61 -28.99
N GLU C 192 47.61 39.23 -30.17
CA GLU C 192 49.04 39.19 -30.43
C GLU C 192 49.64 40.59 -30.36
N ARG C 193 48.78 41.58 -30.52
CA ARG C 193 49.15 42.98 -30.51
C ARG C 193 49.28 43.56 -29.12
N HIS C 194 49.09 42.75 -28.08
CA HIS C 194 49.17 43.23 -26.70
C HIS C 194 50.00 42.32 -25.81
N ASN C 195 50.22 42.75 -24.57
CA ASN C 195 51.05 42.00 -23.63
C ASN C 195 50.42 41.63 -22.28
N SER C 196 49.91 42.62 -21.56
CA SER C 196 49.31 42.38 -20.26
C SER C 196 47.79 42.24 -20.30
N TYR C 197 47.28 41.27 -19.55
CA TYR C 197 45.85 41.02 -19.46
C TYR C 197 45.49 40.89 -17.99
N THR C 198 44.64 41.78 -17.50
CA THR C 198 44.21 41.80 -16.11
C THR C 198 42.72 41.54 -15.93
N CYS C 199 42.38 40.91 -14.82
CA CYS C 199 41.01 40.57 -14.46
C CYS C 199 40.78 41.13 -13.05
N GLU C 200 39.93 42.15 -12.95
CA GLU C 200 39.65 42.78 -11.67
C GLU C 200 38.25 42.55 -11.11
N ALA C 201 38.18 41.97 -9.92
CA ALA C 201 36.91 41.73 -9.25
C ALA C 201 36.60 42.97 -8.41
N THR C 202 35.36 43.41 -8.42
CA THR C 202 34.95 44.59 -7.64
C THR C 202 33.58 44.34 -6.99
N SER C 203 38.78 48.70 -3.34
CA SER C 203 39.80 47.65 -3.09
C SER C 203 39.44 46.41 -3.91
N PRO C 204 39.78 46.41 -5.21
CA PRO C 204 39.50 45.29 -6.10
C PRO C 204 40.45 44.11 -5.94
N ILE C 205 40.09 42.98 -6.55
CA ILE C 205 40.93 41.81 -6.51
C ILE C 205 41.46 41.69 -7.93
N VAL C 206 42.76 41.92 -8.11
CA VAL C 206 43.37 41.86 -9.42
C VAL C 206 44.16 40.58 -9.68
N LYS C 207 44.20 40.16 -10.94
CA LYS C 207 44.92 38.98 -11.40
C LYS C 207 45.30 39.21 -12.86
N SER C 208 46.56 38.97 -13.21
CA SER C 208 46.99 39.19 -14.58
C SER C 208 48.18 38.34 -15.03
N PHE C 209 48.39 38.29 -16.34
CA PHE C 209 49.52 37.56 -16.90
C PHE C 209 50.11 38.43 -18.01
N ASN C 210 51.33 38.11 -18.44
CA ASN C 210 51.99 38.86 -19.50
C ASN C 210 52.28 37.97 -20.71
N ARG C 211 52.65 38.61 -21.82
CA ARG C 211 53.00 37.95 -23.07
C ARG C 211 51.81 37.43 -23.88
N ASN C 212 52.06 36.36 -24.60
CA ASN C 212 51.06 35.70 -25.44
C ASN C 212 51.30 34.19 -25.27
N GLU C 213 52.43 33.87 -24.64
CA GLU C 213 52.86 32.51 -24.39
C GLU C 213 53.92 32.53 -23.28
N CYS C 214 54.29 31.34 -22.79
CA CYS C 214 55.31 31.19 -21.76
C CYS C 214 55.26 29.75 -21.24
N GLU D 1 15.61 0.14 -6.15
CA GLU D 1 14.76 1.31 -5.85
C GLU D 1 14.18 1.89 -7.14
N VAL D 2 13.28 2.85 -7.02
CA VAL D 2 12.64 3.46 -8.18
C VAL D 2 13.66 4.16 -9.07
N ILE D 3 13.71 3.75 -10.34
CA ILE D 3 14.64 4.36 -11.29
C ILE D 3 13.91 4.69 -12.58
N LEU D 4 14.12 5.91 -13.06
CA LEU D 4 13.52 6.39 -14.30
C LEU D 4 14.59 7.05 -15.16
N VAL D 5 14.62 6.72 -16.45
CA VAL D 5 15.60 7.32 -17.35
C VAL D 5 14.95 7.62 -18.69
N GLU D 6 15.03 8.87 -19.10
CA GLU D 6 14.46 9.31 -20.37
C GLU D 6 15.53 9.25 -21.45
N SER D 7 15.08 9.23 -22.69
CA SER D 7 15.99 9.21 -23.84
C SER D 7 15.14 9.42 -25.08
N GLY D 8 15.77 9.76 -26.18
CA GLY D 8 15.04 9.99 -27.40
C GLY D 8 15.00 11.47 -27.73
N GLY D 9 15.47 12.27 -26.78
CA GLY D 9 15.53 13.71 -26.98
C GLY D 9 16.59 14.10 -27.99
N GLY D 10 16.80 15.41 -28.14
CA GLY D 10 17.78 15.89 -29.10
C GLY D 10 17.24 17.08 -29.86
N LEU D 11 18.01 17.58 -30.81
CA LEU D 11 17.59 18.72 -31.62
C LEU D 11 16.64 18.23 -32.69
N VAL D 12 15.70 19.06 -33.06
CA VAL D 12 14.71 18.72 -34.07
C VAL D 12 14.25 20.01 -34.73
N LYS D 13 14.16 19.99 -36.05
CA LYS D 13 13.73 21.14 -36.85
C LYS D 13 12.25 21.40 -36.59
N PRO D 14 11.80 22.67 -36.74
CA PRO D 14 10.38 22.97 -36.52
C PRO D 14 9.50 22.08 -37.39
N GLY D 15 8.41 21.60 -36.80
CA GLY D 15 7.49 20.73 -37.51
C GLY D 15 7.94 19.28 -37.45
N GLY D 16 9.08 19.04 -36.82
CA GLY D 16 9.61 17.70 -36.72
C GLY D 16 8.82 16.77 -35.83
N SER D 17 9.31 15.53 -35.75
CA SER D 17 8.71 14.48 -34.95
C SER D 17 9.83 13.82 -34.16
N LEU D 18 9.55 13.48 -32.90
CA LEU D 18 10.53 12.85 -32.04
C LEU D 18 9.77 11.96 -31.06
N LYS D 19 10.37 10.85 -30.65
CA LYS D 19 9.71 9.97 -29.70
C LYS D 19 10.59 9.75 -28.49
N LEU D 20 10.01 9.93 -27.31
CA LEU D 20 10.73 9.78 -26.06
C LEU D 20 10.41 8.45 -25.38
N SER D 21 11.38 7.94 -24.64
CA SER D 21 11.21 6.68 -23.93
C SER D 21 11.56 6.92 -22.48
N CYS D 22 10.82 6.25 -21.60
CA CYS D 22 11.01 6.35 -20.17
C CYS D 22 11.04 4.92 -19.65
N ALA D 23 12.22 4.47 -19.23
CA ALA D 23 12.40 3.11 -18.70
C ALA D 23 12.23 3.06 -17.18
N ALA D 24 11.18 2.37 -16.73
CA ALA D 24 10.88 2.25 -15.31
C ALA D 24 11.37 0.94 -14.70
N SER D 25 11.72 0.98 -13.42
CA SER D 25 12.22 -0.20 -12.70
C SER D 25 12.21 0.03 -11.20
N GLY D 26 12.33 -1.04 -10.44
CA GLY D 26 12.34 -0.90 -9.00
C GLY D 26 10.95 -0.69 -8.42
N PHE D 27 9.92 -0.94 -9.24
CA PHE D 27 8.53 -0.81 -8.82
C PHE D 27 7.62 -1.45 -9.87
N THR D 28 6.44 -1.88 -9.43
CA THR D 28 5.45 -2.51 -10.31
C THR D 28 4.84 -1.52 -11.32
N PHE D 29 5.58 -1.28 -12.40
CA PHE D 29 5.22 -0.36 -13.47
C PHE D 29 3.83 -0.62 -14.03
N SER D 30 3.51 -1.89 -14.19
CA SER D 30 2.21 -2.30 -14.71
C SER D 30 1.03 -1.72 -13.90
N SER D 31 1.24 -1.51 -12.61
CA SER D 31 0.17 -1.00 -11.75
C SER D 31 0.23 0.47 -11.39
N TYR D 32 0.97 1.27 -12.14
CA TYR D 32 1.07 2.69 -11.82
C TYR D 32 0.72 3.59 -12.99
N THR D 33 0.14 4.75 -12.70
CA THR D 33 -0.21 5.70 -13.73
C THR D 33 1.09 6.47 -13.96
N MET D 34 1.38 6.78 -15.22
CA MET D 34 2.61 7.49 -15.57
C MET D 34 2.24 8.77 -16.31
N SER D 35 3.20 9.69 -16.42
CA SER D 35 2.95 10.93 -17.10
C SER D 35 4.24 11.63 -17.54
N TRP D 36 4.10 12.58 -18.46
CA TRP D 36 5.23 13.35 -18.94
C TRP D 36 5.01 14.78 -18.49
N VAL D 37 6.07 15.42 -18.04
CA VAL D 37 6.03 16.80 -17.58
C VAL D 37 7.30 17.46 -18.08
N ARG D 38 7.16 18.60 -18.74
CA ARG D 38 8.32 19.30 -19.26
C ARG D 38 8.63 20.56 -18.46
N GLN D 39 9.80 21.11 -18.71
CA GLN D 39 10.27 22.31 -18.05
C GLN D 39 10.90 23.19 -19.12
N THR D 40 10.35 24.39 -19.29
CA THR D 40 10.86 25.32 -20.28
C THR D 40 12.08 26.05 -19.76
N PRO D 41 12.87 26.68 -20.65
CA PRO D 41 14.08 27.43 -20.28
C PRO D 41 13.83 28.54 -19.25
N GLU D 42 12.57 28.94 -19.10
CA GLU D 42 12.21 29.96 -18.11
C GLU D 42 11.93 29.27 -16.79
N LYS D 43 12.26 27.98 -16.75
CA LYS D 43 12.10 27.11 -15.58
C LYS D 43 10.66 26.85 -15.16
N ARG D 44 9.72 27.14 -16.06
CA ARG D 44 8.31 26.90 -15.77
C ARG D 44 8.11 25.40 -16.00
N LEU D 45 7.27 24.78 -15.19
CA LEU D 45 6.98 23.35 -15.36
C LEU D 45 5.60 23.26 -16.01
N GLU D 46 5.49 22.43 -17.04
CA GLU D 46 4.23 22.26 -17.73
C GLU D 46 3.88 20.78 -17.79
N TRP D 47 2.66 20.46 -17.39
CA TRP D 47 2.17 19.09 -17.44
C TRP D 47 2.01 18.80 -18.95
N VAL D 48 2.48 17.63 -19.40
CA VAL D 48 2.41 17.28 -20.81
C VAL D 48 1.27 16.30 -21.13
N ALA D 49 1.25 15.17 -20.43
CA ALA D 49 0.23 14.16 -20.66
C ALA D 49 0.19 13.19 -19.48
N THR D 50 -0.65 12.16 -19.60
CA THR D 50 -0.80 11.14 -18.58
C THR D 50 -1.46 9.90 -19.20
N ILE D 51 -1.18 8.73 -18.64
CA ILE D 51 -1.77 7.50 -19.13
C ILE D 51 -2.05 6.56 -17.95
N SER D 52 -3.25 5.99 -17.92
CA SER D 52 -3.70 5.08 -16.88
C SER D 52 -2.74 3.92 -16.63
N SER D 53 -3.03 3.16 -15.57
CA SER D 53 -2.22 2.01 -15.20
C SER D 53 -1.91 1.13 -16.40
N GLY D 54 -2.91 0.87 -17.22
CA GLY D 54 -2.72 0.04 -18.39
C GLY D 54 -3.33 0.65 -19.63
N GLY D 55 -2.79 1.78 -20.06
CA GLY D 55 -3.30 2.45 -21.25
C GLY D 55 -4.79 2.73 -21.15
N GLY D 56 -5.48 2.63 -22.28
CA GLY D 56 -6.91 2.86 -22.29
C GLY D 56 -7.34 4.31 -22.13
N ASN D 57 -6.93 4.95 -21.05
CA ASN D 57 -7.28 6.34 -20.80
C ASN D 57 -6.03 7.18 -20.84
N THR D 58 -6.07 8.25 -21.63
CA THR D 58 -4.94 9.16 -21.79
C THR D 58 -5.44 10.58 -21.62
N TYR D 59 -4.59 11.47 -21.11
CA TYR D 59 -4.98 12.86 -20.91
C TYR D 59 -3.90 13.81 -21.40
N TYR D 60 -4.31 14.94 -21.95
CA TYR D 60 -3.38 15.94 -22.47
C TYR D 60 -4.03 17.32 -22.38
N PRO D 61 -3.23 18.39 -22.28
CA PRO D 61 -3.81 19.73 -22.22
C PRO D 61 -4.08 20.18 -23.66
N ASP D 62 -4.78 21.29 -23.84
CA ASP D 62 -5.10 21.80 -25.16
C ASP D 62 -3.89 21.96 -26.08
N SER D 63 -2.82 22.53 -25.55
CA SER D 63 -1.58 22.78 -26.28
C SER D 63 -0.81 21.59 -26.86
N VAL D 64 -1.24 20.37 -26.59
CA VAL D 64 -0.51 19.22 -27.11
C VAL D 64 -1.38 18.14 -27.73
N LYS D 65 -2.65 18.12 -27.36
CA LYS D 65 -3.60 17.13 -27.89
C LYS D 65 -3.70 17.21 -29.42
N GLY D 66 -3.51 16.07 -30.07
CA GLY D 66 -3.56 16.03 -31.52
C GLY D 66 -2.19 16.35 -32.12
N ARG D 67 -1.14 16.07 -31.35
CA ARG D 67 0.25 16.30 -31.75
C ARG D 67 1.11 15.31 -30.98
N PHE D 68 0.90 15.29 -29.66
CA PHE D 68 1.63 14.39 -28.75
C PHE D 68 0.74 13.21 -28.38
N THR D 69 1.32 12.01 -28.34
CA THR D 69 0.57 10.82 -28.01
C THR D 69 1.35 9.95 -27.02
N ILE D 70 0.81 9.79 -25.82
CA ILE D 70 1.46 8.99 -24.80
C ILE D 70 1.03 7.54 -24.93
N SER D 71 1.93 6.63 -24.57
CA SER D 71 1.65 5.20 -24.65
C SER D 71 2.59 4.48 -23.69
N ARG D 72 2.35 3.21 -23.46
CA ARG D 72 3.18 2.43 -22.56
C ARG D 72 3.22 0.95 -22.92
N ASP D 73 4.25 0.28 -22.44
CA ASP D 73 4.48 -1.13 -22.68
C ASP D 73 4.92 -1.72 -21.35
N ASN D 74 3.93 -2.19 -20.59
CA ASN D 74 4.17 -2.77 -19.26
C ASN D 74 5.01 -4.04 -19.24
N ALA D 75 5.22 -4.64 -20.41
CA ALA D 75 6.04 -5.85 -20.49
C ALA D 75 7.50 -5.42 -20.36
N LYS D 76 7.88 -4.44 -21.19
CA LYS D 76 9.22 -3.90 -21.20
C LYS D 76 9.35 -2.73 -20.23
N ASN D 77 8.26 -2.43 -19.53
CA ASN D 77 8.22 -1.34 -18.56
C ASN D 77 8.63 0.01 -19.14
N ASN D 78 8.05 0.37 -20.29
CA ASN D 78 8.37 1.62 -20.95
C ASN D 78 7.19 2.56 -21.21
N LEU D 79 7.42 3.86 -21.00
CA LEU D 79 6.41 4.90 -21.21
C LEU D 79 6.86 5.70 -22.42
N TYR D 80 6.10 5.63 -23.50
CA TYR D 80 6.45 6.32 -24.74
C TYR D 80 5.69 7.63 -24.96
N LEU D 81 6.33 8.53 -25.71
CA LEU D 81 5.76 9.83 -26.05
C LEU D 81 6.14 10.18 -27.49
N GLN D 82 5.14 10.25 -28.38
CA GLN D 82 5.40 10.60 -29.77
C GLN D 82 5.03 12.06 -30.03
N MET D 83 6.04 12.90 -30.16
CA MET D 83 5.85 14.31 -30.42
C MET D 83 5.89 14.55 -31.93
N SER D 84 4.86 15.23 -32.44
CA SER D 84 4.78 15.54 -33.86
C SER D 84 4.40 17.00 -34.06
N SER D 85 4.60 17.52 -35.28
CA SER D 85 4.28 18.92 -35.60
C SER D 85 4.87 19.82 -34.50
N LEU D 86 6.07 19.44 -34.06
CA LEU D 86 6.79 20.13 -33.02
C LEU D 86 6.99 21.61 -33.30
N ARG D 87 6.85 22.42 -32.25
CA ARG D 87 7.00 23.86 -32.35
C ARG D 87 8.04 24.31 -31.35
N SER D 88 8.54 25.54 -31.50
CA SER D 88 9.55 26.05 -30.59
C SER D 88 9.07 26.09 -29.14
N GLU D 89 7.76 26.18 -28.96
CA GLU D 89 7.20 26.21 -27.62
C GLU D 89 7.30 24.83 -26.96
N ASP D 90 7.72 23.84 -27.74
CA ASP D 90 7.88 22.49 -27.23
C ASP D 90 9.33 22.25 -26.81
N THR D 91 10.20 23.23 -27.04
CA THR D 91 11.61 23.11 -26.65
C THR D 91 11.62 23.12 -25.14
N ALA D 92 11.98 21.99 -24.54
CA ALA D 92 12.04 21.86 -23.09
C ALA D 92 12.64 20.54 -22.63
N LEU D 93 12.84 20.44 -21.32
CA LEU D 93 13.37 19.25 -20.69
C LEU D 93 12.14 18.39 -20.38
N TYR D 94 12.16 17.13 -20.78
CA TYR D 94 11.03 16.23 -20.59
C TYR D 94 11.21 15.16 -19.54
N TYR D 95 10.50 15.35 -18.43
CA TYR D 95 10.53 14.42 -17.31
C TYR D 95 9.36 13.46 -17.40
N CYS D 96 9.56 12.24 -16.91
CA CYS D 96 8.49 11.27 -16.86
C CYS D 96 8.39 11.00 -15.35
N ALA D 97 7.18 10.84 -14.84
CA ALA D 97 7.01 10.62 -13.41
C ALA D 97 5.96 9.59 -13.05
N ARG D 98 6.15 8.97 -11.89
CA ARG D 98 5.26 7.96 -11.36
C ARG D 98 4.24 8.59 -10.41
N TYR D 99 2.98 8.21 -10.57
CA TYR D 99 1.91 8.71 -9.70
C TYR D 99 1.90 7.87 -8.42
N TYR D 100 1.58 8.49 -7.29
CA TYR D 100 1.50 7.73 -6.05
C TYR D 100 0.03 7.47 -5.77
N ARG D 101 -0.31 6.21 -5.57
CA ARG D 101 -1.67 5.79 -5.31
C ARG D 101 -2.40 6.64 -4.28
N TYR D 102 -3.35 7.41 -4.79
CA TYR D 102 -4.19 8.34 -4.04
C TYR D 102 -3.49 9.38 -3.18
N GLU D 103 -2.17 9.43 -3.24
CA GLU D 103 -1.40 10.40 -2.47
C GLU D 103 -1.23 11.70 -3.27
N ALA D 104 -0.16 11.73 -4.06
CA ALA D 104 0.18 12.86 -4.91
C ALA D 104 0.44 12.35 -6.31
N TRP D 105 0.42 13.26 -7.28
CA TRP D 105 0.63 12.89 -8.68
C TRP D 105 2.02 12.49 -9.13
N PHE D 106 3.04 13.24 -8.72
CA PHE D 106 4.39 12.91 -9.13
C PHE D 106 5.23 12.45 -7.96
N ALA D 107 5.07 11.19 -7.60
CA ALA D 107 5.81 10.59 -6.50
C ALA D 107 7.29 10.45 -6.85
N SER D 108 7.57 9.94 -8.05
CA SER D 108 8.95 9.75 -8.50
C SER D 108 9.17 10.45 -9.82
N TRP D 109 10.27 11.19 -9.93
CA TRP D 109 10.61 11.90 -11.15
C TRP D 109 11.75 11.24 -11.90
N GLY D 110 11.74 11.43 -13.21
CA GLY D 110 12.80 10.89 -14.02
C GLY D 110 13.94 11.89 -14.00
N GLN D 111 14.80 11.75 -14.99
CA GLN D 111 15.97 12.60 -15.16
C GLN D 111 15.67 13.75 -16.11
N GLY D 112 14.79 13.49 -17.07
CA GLY D 112 14.43 14.51 -18.04
C GLY D 112 15.21 14.40 -19.33
N THR D 113 14.52 14.54 -20.45
CA THR D 113 15.17 14.51 -21.76
C THR D 113 14.83 15.80 -22.50
N LEU D 114 15.87 16.56 -22.84
CA LEU D 114 15.71 17.83 -23.51
C LEU D 114 15.53 17.72 -25.02
N VAL D 115 14.60 18.51 -25.57
CA VAL D 115 14.35 18.53 -27.00
C VAL D 115 14.49 20.00 -27.41
N THR D 116 15.15 20.24 -28.52
CA THR D 116 15.35 21.60 -28.99
C THR D 116 14.74 21.75 -30.38
N VAL D 117 13.75 22.61 -30.52
CA VAL D 117 13.11 22.85 -31.81
C VAL D 117 13.77 24.10 -32.36
N SER D 118 14.63 23.94 -33.35
CA SER D 118 15.32 25.09 -33.92
C SER D 118 15.85 24.78 -35.31
N ALA D 119 15.96 25.83 -36.11
CA ALA D 119 16.45 25.71 -37.48
C ALA D 119 17.97 25.73 -37.52
N ALA D 120 18.59 25.95 -36.35
CA ALA D 120 20.04 25.97 -36.24
C ALA D 120 20.58 24.57 -36.52
N LYS D 121 21.85 24.48 -36.89
CA LYS D 121 22.46 23.20 -37.20
C LYS D 121 23.37 22.72 -36.08
N THR D 122 23.55 21.41 -36.01
CA THR D 122 24.40 20.80 -35.00
C THR D 122 25.84 21.23 -35.27
N THR D 123 26.51 21.66 -34.21
CA THR D 123 27.90 22.09 -34.30
C THR D 123 28.67 21.44 -33.16
N ALA D 124 29.82 20.86 -33.50
CA ALA D 124 30.65 20.21 -32.51
C ALA D 124 31.43 21.25 -31.72
N PRO D 125 31.64 21.00 -30.43
CA PRO D 125 32.38 21.95 -29.59
C PRO D 125 33.89 21.91 -29.82
N SER D 126 34.56 22.98 -29.39
CA SER D 126 36.00 23.08 -29.48
C SER D 126 36.41 23.03 -28.02
N VAL D 127 37.25 22.06 -27.65
CA VAL D 127 37.68 21.94 -26.27
C VAL D 127 39.10 22.47 -26.12
N TYR D 128 39.27 23.42 -25.21
CA TYR D 128 40.58 24.03 -24.99
C TYR D 128 41.06 23.86 -23.55
N PRO D 129 42.35 23.57 -23.37
CA PRO D 129 42.97 23.39 -22.05
C PRO D 129 43.14 24.74 -21.37
N LEU D 130 42.96 24.78 -20.06
CA LEU D 130 43.14 26.03 -19.33
C LEU D 130 44.03 25.81 -18.11
N ALA D 131 45.20 26.43 -18.14
CA ALA D 131 46.16 26.32 -17.04
C ALA D 131 46.85 27.67 -16.88
N PRO D 132 47.45 27.94 -15.70
CA PRO D 132 48.15 29.22 -15.46
C PRO D 132 49.44 29.33 -16.27
N VAL D 133 49.81 30.56 -16.65
CA VAL D 133 51.04 30.79 -17.41
C VAL D 133 52.21 30.13 -16.70
N CYS D 134 53.13 29.54 -17.47
CA CYS D 134 54.31 28.88 -16.91
C CYS D 134 53.99 27.84 -15.81
N GLY D 135 52.71 27.52 -15.64
CA GLY D 135 52.31 26.58 -14.61
C GLY D 135 52.42 27.21 -13.24
N ASP D 136 52.38 28.54 -13.22
CA ASP D 136 52.47 29.33 -12.00
C ASP D 136 51.57 28.88 -10.87
N THR D 137 52.20 28.63 -9.73
CA THR D 137 51.53 28.16 -8.52
C THR D 137 50.82 29.28 -7.78
N THR D 138 49.76 28.91 -7.04
CA THR D 138 48.98 29.86 -6.26
C THR D 138 48.94 29.30 -4.83
N GLY D 139 50.12 29.17 -4.23
CA GLY D 139 50.21 28.64 -2.89
C GLY D 139 50.08 27.13 -2.88
N SER D 140 49.33 26.61 -1.91
CA SER D 140 49.12 25.17 -1.78
C SER D 140 48.08 24.55 -2.72
N SER D 141 47.67 25.31 -3.73
CA SER D 141 46.68 24.80 -4.67
C SER D 141 46.86 25.33 -6.09
N VAL D 142 46.19 24.67 -7.03
CA VAL D 142 46.25 25.02 -8.44
C VAL D 142 44.87 24.82 -9.02
N THR D 143 44.37 25.82 -9.72
CA THR D 143 43.06 25.72 -10.34
C THR D 143 43.23 25.56 -11.85
N LEU D 144 42.68 24.49 -12.38
CA LEU D 144 42.76 24.21 -13.80
C LEU D 144 41.37 24.42 -14.39
N GLY D 145 41.30 24.50 -15.71
CA GLY D 145 40.02 24.71 -16.34
C GLY D 145 39.91 24.01 -17.67
N CYS D 146 38.77 24.20 -18.32
CA CYS D 146 38.53 23.61 -19.62
C CYS D 146 37.43 24.44 -20.25
N LEU D 147 37.62 24.84 -21.50
CA LEU D 147 36.64 25.65 -22.21
C LEU D 147 36.07 24.94 -23.42
N VAL D 148 34.76 24.73 -23.43
CA VAL D 148 34.07 24.10 -24.56
C VAL D 148 33.32 25.25 -25.26
N LYS D 149 33.79 25.61 -26.44
CA LYS D 149 33.24 26.73 -27.18
C LYS D 149 32.52 26.38 -28.48
N GLY D 150 31.44 27.11 -28.75
CA GLY D 150 30.68 26.91 -29.97
C GLY D 150 30.07 25.56 -30.28
N TYR D 151 29.05 25.15 -29.54
CA TYR D 151 28.37 23.88 -29.82
C TYR D 151 26.85 24.07 -29.85
N PHE D 152 26.16 23.14 -30.52
CA PHE D 152 24.71 23.18 -30.63
C PHE D 152 24.21 21.78 -30.99
N PRO D 153 23.18 21.27 -30.28
CA PRO D 153 22.46 21.89 -29.18
C PRO D 153 23.11 21.75 -27.80
N GLU D 154 22.40 22.23 -26.77
CA GLU D 154 22.83 22.24 -25.37
C GLU D 154 23.44 20.99 -24.72
N PRO D 155 22.76 19.83 -24.83
CA PRO D 155 23.27 18.60 -24.23
C PRO D 155 24.77 18.30 -24.44
N VAL D 156 25.58 18.57 -23.41
CA VAL D 156 27.01 18.31 -23.45
C VAL D 156 27.44 17.79 -22.07
N THR D 157 28.43 16.91 -22.04
CA THR D 157 28.89 16.33 -20.78
C THR D 157 30.37 16.57 -20.58
N LEU D 158 30.75 17.01 -19.38
CA LEU D 158 32.14 17.29 -19.08
C LEU D 158 32.48 16.71 -17.70
N THR D 159 33.58 15.97 -17.63
CA THR D 159 34.02 15.36 -16.38
C THR D 159 35.54 15.44 -16.35
N TRP D 160 36.12 15.26 -15.17
CA TRP D 160 37.56 15.28 -15.03
C TRP D 160 38.04 13.88 -14.68
N ASN D 161 39.02 13.39 -15.43
CA ASN D 161 39.57 12.05 -15.22
C ASN D 161 38.48 10.99 -15.12
N SER D 162 37.56 11.03 -16.08
CA SER D 162 36.46 10.07 -16.14
C SER D 162 35.59 10.03 -14.90
N GLY D 163 35.64 11.06 -14.07
CA GLY D 163 34.83 11.07 -12.87
C GLY D 163 35.63 10.98 -11.58
N SER D 164 36.93 10.70 -11.69
CA SER D 164 37.78 10.60 -10.50
C SER D 164 37.74 11.96 -9.80
N LEU D 165 38.01 13.02 -10.56
CA LEU D 165 37.98 14.36 -9.99
C LEU D 165 36.53 14.82 -9.98
N SER D 166 35.99 14.96 -8.79
CA SER D 166 34.61 15.39 -8.63
C SER D 166 34.49 16.39 -7.50
N SER D 167 35.44 16.32 -6.56
CA SER D 167 35.46 17.19 -5.38
C SER D 167 35.37 18.69 -5.64
N GLY D 168 36.50 19.32 -5.96
CA GLY D 168 36.52 20.76 -6.19
C GLY D 168 36.28 21.19 -7.62
N VAL D 169 35.20 20.71 -8.20
CA VAL D 169 34.85 21.04 -9.58
C VAL D 169 33.87 22.20 -9.59
N HIS D 170 33.73 22.87 -10.74
CA HIS D 170 32.81 23.99 -10.91
C HIS D 170 32.42 24.07 -12.36
N THR D 171 31.32 23.43 -12.73
CA THR D 171 30.87 23.47 -14.12
C THR D 171 29.89 24.62 -14.21
N PHE D 172 30.21 25.59 -15.06
CA PHE D 172 29.39 26.77 -15.24
C PHE D 172 28.32 26.53 -16.29
N PRO D 173 27.09 27.04 -16.04
CA PRO D 173 25.99 26.87 -16.99
C PRO D 173 26.32 27.46 -18.37
N ALA D 174 25.88 26.78 -19.41
CA ALA D 174 26.15 27.23 -20.78
C ALA D 174 25.44 28.53 -21.11
N VAL D 175 26.16 29.41 -21.80
CA VAL D 175 25.61 30.70 -22.19
C VAL D 175 25.47 30.71 -23.71
N LEU D 176 24.25 30.90 -24.18
CA LEU D 176 23.95 30.92 -25.60
C LEU D 176 24.21 32.28 -26.18
N GLN D 177 24.71 32.30 -27.41
CA GLN D 177 24.99 33.55 -28.12
C GLN D 177 25.31 33.21 -29.57
N SER D 178 24.53 33.80 -30.47
CA SER D 178 24.70 33.60 -31.90
C SER D 178 24.50 32.13 -32.29
N ASP D 179 23.43 31.53 -31.76
CA ASP D 179 23.10 30.12 -32.03
C ASP D 179 24.23 29.12 -31.72
N LEU D 180 25.04 29.44 -30.72
CA LEU D 180 26.14 28.58 -30.31
C LEU D 180 26.31 28.67 -28.81
N TYR D 181 26.63 27.55 -28.18
CA TYR D 181 26.83 27.52 -26.74
C TYR D 181 28.28 27.50 -26.32
N THR D 182 28.54 28.05 -25.14
CA THR D 182 29.88 28.10 -24.55
C THR D 182 29.69 27.67 -23.09
N LEU D 183 30.59 26.82 -22.61
CA LEU D 183 30.55 26.32 -21.23
C LEU D 183 31.98 26.14 -20.76
N SER D 184 32.20 26.16 -19.45
CA SER D 184 33.54 25.97 -18.90
C SER D 184 33.47 25.32 -17.52
N SER D 185 34.56 24.70 -17.11
CA SER D 185 34.60 24.04 -15.81
C SER D 185 35.97 24.23 -15.20
N SER D 186 36.01 24.42 -13.88
CA SER D 186 37.25 24.60 -13.16
C SER D 186 37.40 23.43 -12.18
N VAL D 187 38.64 23.15 -11.79
CA VAL D 187 38.94 22.09 -10.84
C VAL D 187 40.12 22.58 -10.01
N THR D 188 39.99 22.51 -8.69
CA THR D 188 41.05 22.96 -7.80
C THR D 188 41.70 21.76 -7.13
N VAL D 189 42.98 21.57 -7.41
CA VAL D 189 43.75 20.46 -6.87
C VAL D 189 45.01 21.00 -6.19
N THR D 190 45.54 20.25 -5.24
CA THR D 190 46.74 20.66 -4.52
C THR D 190 47.96 20.69 -5.46
N SER D 191 48.90 21.56 -5.13
CA SER D 191 50.12 21.72 -5.92
C SER D 191 50.80 20.38 -6.22
N SER D 192 50.72 19.47 -5.26
CA SER D 192 51.33 18.15 -5.39
C SER D 192 50.53 17.16 -6.25
N THR D 193 49.51 17.65 -6.96
CA THR D 193 48.71 16.78 -7.80
C THR D 193 48.91 16.98 -9.30
N TRP D 194 48.51 18.14 -9.81
CA TRP D 194 48.60 18.42 -11.25
C TRP D 194 49.96 18.31 -11.94
N PRO D 195 50.95 19.14 -11.55
CA PRO D 195 52.24 19.03 -12.23
C PRO D 195 52.79 17.60 -12.20
N SER D 196 52.48 16.88 -11.12
CA SER D 196 52.94 15.51 -10.94
C SER D 196 52.20 14.55 -11.88
N GLN D 197 50.89 14.45 -11.71
CA GLN D 197 50.07 13.58 -12.55
C GLN D 197 49.07 14.43 -13.31
N SER D 198 49.14 14.34 -14.63
CA SER D 198 48.25 15.11 -15.51
C SER D 198 46.76 14.89 -15.25
N ILE D 199 46.00 15.98 -15.37
CA ILE D 199 44.56 15.97 -15.20
C ILE D 199 43.98 16.06 -16.61
N THR D 200 42.92 15.31 -16.88
CA THR D 200 42.30 15.31 -18.21
C THR D 200 40.84 15.74 -18.21
N CYS D 201 40.50 16.53 -19.22
CA CYS D 201 39.15 17.07 -19.42
C CYS D 201 38.37 16.19 -20.41
N ASN D 202 37.37 15.47 -19.91
CA ASN D 202 36.56 14.59 -20.75
C ASN D 202 35.29 15.32 -21.15
N VAL D 203 35.12 15.52 -22.46
CA VAL D 203 33.96 16.23 -22.99
C VAL D 203 33.24 15.35 -24.02
N ALA D 204 31.91 15.30 -23.93
CA ALA D 204 31.11 14.50 -24.83
C ALA D 204 29.88 15.24 -25.31
N HIS D 205 29.77 15.41 -26.62
CA HIS D 205 28.62 16.09 -27.22
C HIS D 205 27.88 15.05 -28.06
N PRO D 206 26.88 14.39 -27.46
CA PRO D 206 26.07 13.35 -28.09
C PRO D 206 25.54 13.71 -29.48
N ALA D 207 24.93 14.88 -29.60
CA ALA D 207 24.36 15.32 -30.87
C ALA D 207 25.28 15.16 -32.08
N SER D 208 26.58 15.24 -31.87
CA SER D 208 27.54 15.10 -32.97
C SER D 208 28.53 13.97 -32.78
N SER D 209 28.18 13.01 -31.93
CA SER D 209 29.05 11.87 -31.65
C SER D 209 30.46 12.31 -31.26
N THR D 210 30.56 13.52 -30.71
CA THR D 210 31.83 14.08 -30.29
C THR D 210 32.17 13.61 -28.87
N LYS D 211 33.43 13.24 -28.68
CA LYS D 211 33.91 12.78 -27.38
C LYS D 211 35.42 13.00 -27.41
N VAL D 212 35.91 13.95 -26.62
CA VAL D 212 37.33 14.26 -26.58
C VAL D 212 37.87 14.42 -25.16
N ASP D 213 39.04 13.85 -24.92
CA ASP D 213 39.71 13.94 -23.63
C ASP D 213 40.93 14.84 -23.79
N LYS D 214 40.86 16.05 -23.27
CA LYS D 214 41.96 17.00 -23.37
C LYS D 214 42.78 17.08 -22.06
N LYS D 215 44.04 16.67 -22.13
CA LYS D 215 44.93 16.70 -20.97
C LYS D 215 45.38 18.14 -20.69
N ILE D 216 45.43 18.50 -19.42
CA ILE D 216 45.85 19.83 -19.02
C ILE D 216 47.34 19.75 -18.73
N GLU D 217 48.14 20.35 -19.61
CA GLU D 217 49.60 20.36 -19.47
C GLU D 217 50.07 21.80 -19.24
N PRO D 218 51.22 21.97 -18.57
CA PRO D 218 51.81 23.28 -18.27
C PRO D 218 52.38 23.91 -19.55
#